data_7UJJ
#
_entry.id   7UJJ
#
loop_
_entity.id
_entity.type
_entity.pdbx_description
1 polymer DARPin
2 polymer 'Shiga-like toxin 2 subunit A'
3 polymer 'Shiga-like toxin 2 subunit B'
4 non-polymer 3-PYRIDINIUM-1-YLPROPANE-1-SULFONATE
5 non-polymer 'FORMIC ACID'
6 non-polymer 'SODIUM ION'
7 non-polymer 1,2-ETHANEDIOL
8 water water
#
loop_
_entity_poly.entity_id
_entity_poly.type
_entity_poly.pdbx_seq_one_letter_code
_entity_poly.pdbx_strand_id
1 'polypeptide(L)'
;GKKLLEAARAGQDDEVRILMANGADVNACDSNGRTPLHLAAVRGHLEIVEVLLKNGADVNAWDVIGKTPLHLAADGGHLE
IVEVLLKNGADVNAWDLIGRTPLHLAALDGHLEIVEVLLEHGADVNAYDRPGHTPLHLAARRGHLEIVEVLLKYGADVNA
QDKFGKTAFDISIDNGNEDLAEILQ
;
G
2 'polypeptide(L)'
;REFTIDFSTQQSYVSSLNSIRTEISTPLEHISQGTTSVSVINHTPPGSYFAVDIRGLDVYQARFDHLRLIIEQNNLYVAG
FVNTATNTFYRFSDFTHISVPGVTTVSMTTDSSYTTLQRVAALERSGMQISRHSLVSSYLALMEFSGNTMTRDASRAVLR
FVTVTAEALRFRQIQREFRQALSETAPVYTMTPGDVDLTLNWGRISNVLPEYRGEDGVRVGRISFNNISAILGTVAVILN
CHHQGARSVRAVNEESQPECQITGDRPVIKINNTLWESNTAAAFLNRKSQFLYTTGK
;
A
3 'polypeptide(L)' ADCAKGKIEFSKYNEDDTFTVKVDGKEYWTSRWNLQPLLQSAQLTGMTVTIKSSTCESGSGFAEVQFNND B,C,D,E,F
#
loop_
_chem_comp.id
_chem_comp.type
_chem_comp.name
_chem_comp.formula
1PS non-polymer 3-PYRIDINIUM-1-YLPROPANE-1-SULFONATE 'C8 H11 N O3 S'
EDO non-polymer 1,2-ETHANEDIOL 'C2 H6 O2'
FMT non-polymer 'FORMIC ACID' 'C H2 O2'
NA non-polymer 'SODIUM ION' 'Na 1'
#
# COMPACT_ATOMS: atom_id res chain seq x y z
N GLY A 1 5.01 31.16 -23.06
CA GLY A 1 5.79 31.33 -21.83
C GLY A 1 6.52 30.06 -21.42
N LYS A 2 5.80 28.94 -21.60
CA LYS A 2 6.29 27.60 -21.31
C LYS A 2 7.65 27.33 -21.92
N LYS A 3 7.93 27.67 -23.19
CA LYS A 3 9.27 27.42 -23.74
C LYS A 3 10.39 28.16 -23.02
N LEU A 4 10.22 29.42 -22.63
CA LEU A 4 11.27 30.17 -21.94
C LEU A 4 11.50 29.65 -20.52
N LEU A 5 10.43 29.22 -19.82
CA LEU A 5 10.61 28.54 -18.53
C LEU A 5 11.15 27.11 -18.57
N GLU A 6 10.88 26.33 -19.62
CA GLU A 6 11.53 25.04 -19.84
C GLU A 6 13.03 25.22 -20.12
N ALA A 7 13.38 26.16 -21.00
CA ALA A 7 14.77 26.45 -21.35
C ALA A 7 15.57 26.86 -20.10
N ALA A 8 15.00 27.80 -19.34
CA ALA A 8 15.53 28.22 -18.05
C ALA A 8 15.78 27.04 -17.11
N ARG A 9 14.79 26.16 -16.92
CA ARG A 9 14.95 24.98 -16.06
C ARG A 9 16.04 24.02 -16.52
N ALA A 10 16.23 23.92 -17.84
CA ALA A 10 17.24 23.07 -18.44
C ALA A 10 18.63 23.74 -18.53
N GLY A 11 18.74 25.00 -18.11
CA GLY A 11 19.98 25.76 -18.18
C GLY A 11 20.47 26.03 -19.61
N GLN A 12 19.57 25.98 -20.59
CA GLN A 12 19.96 26.05 -22.00
C GLN A 12 20.12 27.51 -22.46
N ASP A 13 21.20 28.19 -22.04
CA ASP A 13 21.40 29.64 -22.20
C ASP A 13 21.19 30.17 -23.63
N ASP A 14 21.70 29.49 -24.66
CA ASP A 14 21.43 29.90 -26.04
C ASP A 14 19.97 29.77 -26.46
N GLU A 15 19.23 28.77 -25.96
CA GLU A 15 17.78 28.69 -26.21
C GLU A 15 17.02 29.80 -25.47
N VAL A 16 17.45 30.15 -24.26
CA VAL A 16 16.89 31.30 -23.53
C VAL A 16 17.07 32.59 -24.33
N ARG A 17 18.29 32.84 -24.81
CA ARG A 17 18.64 33.99 -25.65
C ARG A 17 17.89 34.03 -26.97
N ILE A 18 17.67 32.90 -27.64
CA ILE A 18 16.92 32.84 -28.92
C ILE A 18 15.41 33.12 -28.70
N LEU A 19 14.81 32.54 -27.66
CA LEU A 19 13.40 32.77 -27.33
C LEU A 19 13.12 34.23 -26.92
N MET A 20 13.99 34.76 -26.05
CA MET A 20 14.00 36.17 -25.69
C MET A 20 14.11 37.07 -26.93
N ALA A 21 15.02 36.75 -27.85
CA ALA A 21 15.17 37.49 -29.11
C ALA A 21 14.02 37.30 -30.12
N ASN A 22 13.15 36.31 -29.89
CA ASN A 22 11.88 36.13 -30.63
C ASN A 22 10.68 36.72 -29.87
N GLY A 23 10.91 37.34 -28.72
CA GLY A 23 9.92 38.17 -28.03
C GLY A 23 9.14 37.40 -26.96
N ALA A 24 9.64 36.25 -26.52
CA ALA A 24 9.11 35.57 -25.35
C ALA A 24 9.28 36.45 -24.10
N ASP A 25 8.22 36.62 -23.30
CA ASP A 25 8.27 37.44 -22.08
C ASP A 25 9.15 36.82 -20.98
N VAL A 26 10.16 37.60 -20.57
CA VAL A 26 11.07 37.32 -19.45
C VAL A 26 10.42 37.05 -18.09
N ASN A 27 9.17 37.47 -17.92
CA ASN A 27 8.40 37.40 -16.69
C ASN A 27 7.28 36.36 -16.81
N ALA A 28 7.31 35.50 -17.83
CA ALA A 28 6.22 34.59 -18.12
C ALA A 28 6.00 33.48 -17.07
N CYS A 29 4.91 33.62 -16.32
CA CYS A 29 4.48 32.61 -15.36
C CYS A 29 3.90 31.33 -15.97
N ASP A 30 4.27 30.17 -15.41
CA ASP A 30 3.43 28.97 -15.42
C ASP A 30 2.19 29.14 -14.53
N SER A 31 1.27 28.17 -14.60
CA SER A 31 0.40 27.83 -13.47
C SER A 31 1.22 27.75 -12.17
N ASN A 32 0.63 28.18 -11.06
CA ASN A 32 1.31 28.33 -9.77
C ASN A 32 2.31 29.51 -9.71
N GLY A 33 2.50 30.26 -10.79
CA GLY A 33 3.20 31.55 -10.81
C GLY A 33 4.70 31.47 -11.08
N ARG A 34 5.26 30.25 -11.22
CA ARG A 34 6.70 30.03 -11.39
C ARG A 34 7.20 30.74 -12.64
N THR A 35 8.15 31.67 -12.47
CA THR A 35 8.71 32.43 -13.59
C THR A 35 10.09 31.88 -13.96
N PRO A 36 10.61 32.15 -15.16
CA PRO A 36 11.90 31.65 -15.58
C PRO A 36 13.05 31.89 -14.60
N LEU A 37 13.04 33.03 -13.90
CA LEU A 37 13.94 33.29 -12.79
C LEU A 37 13.77 32.31 -11.63
N HIS A 38 12.54 31.96 -11.26
CA HIS A 38 12.30 30.88 -10.30
C HIS A 38 12.93 29.59 -10.75
N LEU A 39 12.71 29.15 -11.99
CA LEU A 39 13.25 27.86 -12.44
C LEU A 39 14.79 27.83 -12.50
N ALA A 40 15.40 28.88 -13.05
CA ALA A 40 16.83 29.06 -13.14
C ALA A 40 17.49 29.04 -11.77
N ALA A 41 16.93 29.83 -10.84
CA ALA A 41 17.34 29.91 -9.46
C ALA A 41 17.28 28.54 -8.77
N VAL A 42 16.15 27.80 -8.87
CA VAL A 42 16.11 26.47 -8.26
C VAL A 42 17.09 25.47 -8.86
N ARG A 43 17.49 25.65 -10.13
CA ARG A 43 18.49 24.74 -10.69
C ARG A 43 19.93 25.24 -10.51
N GLY A 44 20.13 26.42 -9.95
CA GLY A 44 21.45 27.01 -9.79
C GLY A 44 22.14 27.37 -11.09
N HIS A 45 21.38 27.73 -12.13
CA HIS A 45 21.99 28.13 -13.40
C HIS A 45 22.35 29.63 -13.40
N LEU A 46 23.55 29.95 -12.94
CA LEU A 46 24.03 31.34 -12.73
C LEU A 46 23.94 32.21 -13.97
N GLU A 47 24.31 31.63 -15.10
CA GLU A 47 24.42 32.28 -16.41
C GLU A 47 23.03 32.67 -16.91
N ILE A 48 22.07 31.75 -16.72
CA ILE A 48 20.66 31.97 -17.03
C ILE A 48 20.09 33.06 -16.13
N VAL A 49 20.43 33.04 -14.84
CA VAL A 49 19.94 34.09 -13.94
C VAL A 49 20.46 35.44 -14.36
N GLU A 50 21.76 35.58 -14.64
CA GLU A 50 22.31 36.85 -15.11
C GLU A 50 21.73 37.31 -16.45
N VAL A 51 21.55 36.45 -17.46
CA VAL A 51 20.92 36.89 -18.72
C VAL A 51 19.43 37.24 -18.57
N LEU A 52 18.68 36.56 -17.70
CA LEU A 52 17.29 36.90 -17.41
C LEU A 52 17.18 38.29 -16.75
N LEU A 53 17.99 38.49 -15.71
CA LEU A 53 18.00 39.73 -14.94
C LEU A 53 18.45 40.92 -15.79
N LYS A 54 19.43 40.74 -16.67
CA LYS A 54 19.83 41.74 -17.66
C LYS A 54 18.92 41.85 -18.89
N ASN A 55 17.91 40.98 -19.03
CA ASN A 55 16.74 41.26 -19.87
C ASN A 55 15.56 41.88 -19.10
N GLY A 56 15.65 42.08 -17.78
CA GLY A 56 14.65 42.81 -17.02
C GLY A 56 13.63 41.89 -16.35
N ALA A 57 14.00 40.63 -16.08
CA ALA A 57 13.18 39.75 -15.27
C ALA A 57 13.06 40.21 -13.82
N ASP A 58 11.85 40.20 -13.27
CA ASP A 58 11.56 40.69 -11.92
C ASP A 58 12.09 39.76 -10.82
N VAL A 59 13.16 40.25 -10.19
CA VAL A 59 13.89 39.61 -9.11
C VAL A 59 13.10 39.14 -7.90
N ASN A 60 12.04 39.87 -7.53
CA ASN A 60 11.26 39.58 -6.33
C ASN A 60 10.05 38.69 -6.65
N ALA A 61 9.82 38.40 -7.95
CA ALA A 61 8.56 37.83 -8.41
C ALA A 61 8.14 36.61 -7.57
N TRP A 62 6.85 36.54 -7.22
CA TRP A 62 6.38 35.56 -6.25
C TRP A 62 5.43 34.52 -6.84
N ASP A 63 5.73 33.25 -6.52
CA ASP A 63 4.81 32.12 -6.75
C ASP A 63 3.47 32.36 -6.03
N VAL A 64 2.48 31.51 -6.29
CA VAL A 64 1.23 31.46 -5.51
C VAL A 64 1.44 31.23 -4.00
N ILE A 65 2.49 30.50 -3.62
CA ILE A 65 2.92 30.25 -2.23
C ILE A 65 3.51 31.52 -1.58
N GLY A 66 4.04 32.44 -2.38
CA GLY A 66 4.87 33.56 -1.93
C GLY A 66 6.36 33.24 -1.87
N LYS A 67 6.81 32.21 -2.59
CA LYS A 67 8.22 31.91 -2.81
C LYS A 67 8.81 32.74 -3.96
N THR A 68 9.93 33.39 -3.66
CA THR A 68 10.70 34.22 -4.58
C THR A 68 11.96 33.50 -5.04
N PRO A 69 12.58 33.89 -6.16
CA PRO A 69 13.79 33.24 -6.63
C PRO A 69 14.91 33.05 -5.60
N LEU A 70 15.05 33.99 -4.67
CA LEU A 70 16.00 33.91 -3.56
C LEU A 70 15.64 32.83 -2.54
N HIS A 71 14.34 32.61 -2.29
CA HIS A 71 13.85 31.41 -1.60
C HIS A 71 14.17 30.13 -2.34
N LEU A 72 13.97 30.06 -3.64
CA LEU A 72 14.22 28.81 -4.38
C LEU A 72 15.71 28.44 -4.46
N ALA A 73 16.55 29.45 -4.67
CA ALA A 73 17.99 29.37 -4.58
C ALA A 73 18.43 28.83 -3.21
N ALA A 74 17.93 29.46 -2.15
CA ALA A 74 18.21 29.06 -0.77
C ALA A 74 17.80 27.60 -0.51
N ASP A 75 16.56 27.21 -0.83
CA ASP A 75 16.10 25.82 -0.76
C ASP A 75 17.05 24.85 -1.46
N GLY A 76 17.65 25.28 -2.57
CA GLY A 76 18.48 24.40 -3.40
C GLY A 76 19.96 24.44 -3.07
N GLY A 77 20.37 25.27 -2.09
CA GLY A 77 21.78 25.38 -1.69
C GLY A 77 22.67 26.18 -2.64
N HIS A 78 22.07 27.00 -3.51
CA HIS A 78 22.80 27.55 -4.66
C HIS A 78 23.48 28.88 -4.34
N LEU A 79 24.45 28.86 -3.45
CA LEU A 79 25.22 30.01 -2.96
C LEU A 79 25.48 31.11 -3.99
N GLU A 80 26.12 30.79 -5.11
CA GLU A 80 26.45 31.84 -6.07
C GLU A 80 25.20 32.54 -6.63
N ILE A 81 24.11 31.79 -6.85
CA ILE A 81 22.85 32.34 -7.36
C ILE A 81 22.10 33.15 -6.29
N VAL A 82 22.24 32.79 -5.03
CA VAL A 82 21.81 33.61 -3.88
C VAL A 82 22.54 34.94 -3.86
N GLU A 83 23.86 34.93 -3.99
CA GLU A 83 24.70 36.13 -4.01
C GLU A 83 24.34 37.04 -5.20
N VAL A 84 24.22 36.54 -6.44
CA VAL A 84 23.82 37.42 -7.55
C VAL A 84 22.39 37.94 -7.43
N LEU A 85 21.44 37.18 -6.89
CA LEU A 85 20.09 37.71 -6.66
C LEU A 85 20.10 38.88 -5.66
N LEU A 86 20.81 38.70 -4.54
CA LEU A 86 20.98 39.74 -3.53
C LEU A 86 21.63 41.00 -4.10
N LYS A 87 22.70 40.84 -4.89
CA LYS A 87 23.37 41.91 -5.65
C LYS A 87 22.55 42.50 -6.80
N ASN A 88 21.40 41.93 -7.14
CA ASN A 88 20.42 42.52 -8.04
C ASN A 88 19.12 42.95 -7.31
N GLY A 89 19.13 42.97 -5.98
CA GLY A 89 18.12 43.68 -5.17
C GLY A 89 17.03 42.77 -4.60
N ALA A 90 17.19 41.46 -4.71
CA ALA A 90 16.25 40.52 -4.09
C ALA A 90 16.19 40.67 -2.56
N ASP A 91 14.97 40.75 -2.01
CA ASP A 91 14.78 40.93 -0.57
C ASP A 91 15.13 39.67 0.24
N VAL A 92 16.20 39.79 1.01
CA VAL A 92 16.73 38.79 1.95
C VAL A 92 15.68 38.21 2.90
N ASN A 93 14.74 39.04 3.35
CA ASN A 93 13.79 38.72 4.41
C ASN A 93 12.35 38.65 3.89
N ALA A 94 12.18 38.52 2.57
CA ALA A 94 10.93 38.13 1.98
C ALA A 94 10.36 36.88 2.69
N TRP A 95 9.14 36.98 3.21
CA TRP A 95 8.47 35.86 3.86
C TRP A 95 7.29 35.37 3.02
N ASP A 96 7.27 34.06 2.77
CA ASP A 96 6.16 33.45 2.08
C ASP A 96 4.84 33.54 2.87
N LEU A 97 3.76 33.02 2.30
CA LEU A 97 2.43 33.05 2.93
C LEU A 97 2.45 32.51 4.37
N ILE A 98 3.24 31.47 4.59
CA ILE A 98 3.46 30.80 5.87
C ILE A 98 4.75 31.27 6.53
N GLY A 99 5.13 32.55 6.34
CA GLY A 99 6.12 33.29 7.14
C GLY A 99 7.57 32.85 7.01
N ARG A 100 7.82 31.85 6.16
CA ARG A 100 9.13 31.27 5.92
C ARG A 100 9.99 32.28 5.18
N THR A 101 11.08 32.67 5.82
CA THR A 101 12.18 33.37 5.18
C THR A 101 13.10 32.39 4.43
N PRO A 102 13.92 32.89 3.50
CA PRO A 102 15.02 32.10 2.96
C PRO A 102 15.99 31.51 3.99
N LEU A 103 16.20 32.19 5.12
CA LEU A 103 17.03 31.65 6.19
C LEU A 103 16.41 30.43 6.86
N HIS A 104 15.08 30.46 7.06
CA HIS A 104 14.34 29.24 7.42
C HIS A 104 14.53 28.12 6.42
N LEU A 105 14.46 28.38 5.12
CA LEU A 105 14.57 27.30 4.12
C LEU A 105 15.96 26.67 4.06
N ALA A 106 16.99 27.51 4.01
CA ALA A 106 18.39 27.13 4.09
C ALA A 106 18.69 26.25 5.30
N ALA A 107 18.25 26.73 6.47
CA ALA A 107 18.37 26.03 7.73
C ALA A 107 17.73 24.65 7.64
N LEU A 108 16.46 24.60 7.21
CA LEU A 108 15.68 23.39 6.98
C LEU A 108 16.46 22.37 6.17
N ASP A 109 17.18 22.79 5.12
CA ASP A 109 17.82 21.83 4.22
C ASP A 109 19.32 21.67 4.44
N GLY A 110 19.86 22.30 5.49
CA GLY A 110 21.21 22.02 5.96
C GLY A 110 22.31 22.82 5.27
N HIS A 111 21.94 23.81 4.48
CA HIS A 111 22.88 24.44 3.55
C HIS A 111 23.73 25.53 4.24
N LEU A 112 24.81 25.14 4.89
CA LEU A 112 25.60 26.02 5.76
C LEU A 112 26.20 27.23 5.07
N GLU A 113 26.65 27.09 3.83
CA GLU A 113 27.23 28.17 3.04
C GLU A 113 26.22 29.29 2.78
N ILE A 114 25.01 28.95 2.34
CA ILE A 114 23.98 29.96 2.13
C ILE A 114 23.34 30.47 3.42
N VAL A 115 23.34 29.69 4.51
CA VAL A 115 22.98 30.25 5.81
C VAL A 115 23.95 31.35 6.19
N GLU A 116 25.26 31.10 6.04
CA GLU A 116 26.29 32.11 6.32
C GLU A 116 26.18 33.34 5.41
N VAL A 117 26.00 33.17 4.09
CA VAL A 117 25.82 34.31 3.18
C VAL A 117 24.54 35.12 3.45
N LEU A 118 23.45 34.46 3.82
CA LEU A 118 22.19 35.13 4.14
C LEU A 118 22.33 35.96 5.42
N LEU A 119 22.90 35.37 6.47
CA LEU A 119 23.20 36.07 7.71
C LEU A 119 24.06 37.32 7.47
N GLU A 120 25.16 37.17 6.73
CA GLU A 120 26.02 38.29 6.33
C GLU A 120 25.35 39.35 5.45
N HIS A 121 24.27 39.02 4.73
CA HIS A 121 23.49 40.02 3.98
C HIS A 121 22.36 40.67 4.79
N GLY A 122 22.20 40.34 6.07
CA GLY A 122 21.19 40.94 6.93
C GLY A 122 19.90 40.15 7.11
N ALA A 123 19.93 38.83 6.88
CA ALA A 123 18.81 37.96 7.22
C ALA A 123 18.48 38.01 8.71
N ASP A 124 17.21 38.13 9.08
CA ASP A 124 16.83 38.11 10.50
C ASP A 124 16.98 36.70 11.11
N VAL A 125 18.06 36.58 11.87
CA VAL A 125 18.50 35.41 12.61
C VAL A 125 17.44 34.66 13.38
N ASN A 126 16.52 35.37 14.00
CA ASN A 126 15.54 34.81 14.93
C ASN A 126 14.14 34.85 14.34
N ALA A 127 14.01 35.22 13.05
CA ALA A 127 12.74 35.36 12.36
C ALA A 127 11.75 34.25 12.72
N TYR A 128 10.55 34.65 13.13
CA TYR A 128 9.48 33.73 13.52
C TYR A 128 8.56 33.42 12.32
N ASP A 129 8.53 32.14 11.96
CA ASP A 129 7.46 31.47 11.22
C ASP A 129 6.08 31.67 11.89
N ARG A 130 4.97 31.37 11.20
CA ARG A 130 3.61 31.50 11.76
C ARG A 130 3.39 30.69 13.05
N PRO A 131 3.79 29.40 13.17
CA PRO A 131 3.79 28.67 14.44
C PRO A 131 4.97 29.00 15.38
N GLY A 132 5.61 30.17 15.25
CA GLY A 132 6.72 30.61 16.09
C GLY A 132 8.01 29.82 15.93
N HIS A 133 8.18 29.12 14.80
CA HIS A 133 9.41 28.40 14.50
C HIS A 133 10.51 29.32 13.97
N THR A 134 11.64 29.37 14.68
CA THR A 134 12.83 30.06 14.20
C THR A 134 13.67 29.14 13.30
N PRO A 135 14.66 29.69 12.56
CA PRO A 135 15.66 28.88 11.90
C PRO A 135 16.35 27.82 12.78
N LEU A 136 16.61 28.15 14.05
CA LEU A 136 17.21 27.24 15.02
C LEU A 136 16.29 26.05 15.31
N HIS A 137 14.97 26.28 15.37
CA HIS A 137 14.01 25.18 15.46
C HIS A 137 13.98 24.31 14.21
N LEU A 138 14.05 24.89 13.01
CA LEU A 138 14.03 24.08 11.78
C LEU A 138 15.28 23.21 11.57
N ALA A 139 16.43 23.74 12.02
CA ALA A 139 17.77 23.17 11.97
C ALA A 139 18.10 22.16 13.11
N ALA A 140 17.46 22.31 14.27
CA ALA A 140 17.44 21.32 15.35
C ALA A 140 16.56 20.13 14.98
N ARG A 141 15.30 20.42 14.64
CA ARG A 141 14.55 19.57 13.70
C ARG A 141 15.41 19.42 12.44
N ARG A 142 15.11 18.46 11.59
CA ARG A 142 16.01 17.96 10.54
C ARG A 142 17.48 17.60 10.89
N GLY A 143 17.98 17.82 12.11
CA GLY A 143 19.27 17.28 12.54
C GLY A 143 20.51 17.84 11.83
N HIS A 144 20.53 19.14 11.51
CA HIS A 144 21.64 19.74 10.78
C HIS A 144 22.66 20.38 11.73
N LEU A 145 23.50 19.56 12.36
CA LEU A 145 24.41 20.02 13.41
C LEU A 145 25.28 21.23 13.04
N GLU A 146 25.80 21.23 11.82
CA GLU A 146 26.64 22.30 11.30
C GLU A 146 25.86 23.62 11.21
N ILE A 147 24.65 23.59 10.65
CA ILE A 147 23.73 24.74 10.68
C ILE A 147 23.49 25.23 12.11
N VAL A 148 23.24 24.31 13.05
CA VAL A 148 22.90 24.68 14.42
C VAL A 148 24.05 25.38 15.16
N GLU A 149 25.29 24.96 14.87
CA GLU A 149 26.56 25.57 15.30
C GLU A 149 26.91 26.92 14.62
N VAL A 150 26.51 27.14 13.36
CA VAL A 150 26.61 28.45 12.64
C VAL A 150 25.57 29.50 13.09
N LEU A 151 24.29 29.15 13.12
CA LEU A 151 23.38 29.62 14.18
C LEU A 151 23.97 29.20 15.54
N LEU A 152 23.39 29.46 16.69
CA LEU A 152 24.16 29.74 17.92
C LEU A 152 25.38 30.67 17.77
N LYS A 153 26.45 30.37 16.98
CA LYS A 153 27.56 31.34 16.78
C LYS A 153 27.09 32.76 16.46
N TYR A 154 26.10 32.92 15.59
CA TYR A 154 25.57 34.24 15.19
C TYR A 154 24.49 34.85 16.12
N GLY A 155 24.32 34.33 17.35
CA GLY A 155 23.40 34.92 18.33
C GLY A 155 21.94 34.49 18.19
N ALA A 156 21.71 33.26 17.73
CA ALA A 156 20.37 32.68 17.68
C ALA A 156 19.85 32.37 19.09
N ASP A 157 18.58 32.70 19.35
CA ASP A 157 17.92 32.52 20.64
C ASP A 157 17.54 31.05 20.91
N VAL A 158 18.37 30.38 21.70
CA VAL A 158 18.17 29.00 22.14
C VAL A 158 16.93 28.78 23.00
N ASN A 159 16.48 29.83 23.67
CA ASN A 159 15.34 29.82 24.59
C ASN A 159 14.00 29.90 23.85
N ALA A 160 14.02 30.44 22.63
CA ALA A 160 12.85 30.70 21.82
C ALA A 160 11.91 29.49 21.77
N GLN A 161 10.64 29.77 21.93
CA GLN A 161 9.60 28.77 22.08
C GLN A 161 8.65 28.89 20.90
N ASP A 162 8.27 27.75 20.33
CA ASP A 162 7.22 27.73 19.32
C ASP A 162 5.81 27.95 19.93
N LYS A 163 4.79 27.85 19.09
CA LYS A 163 3.37 27.95 19.47
C LYS A 163 2.88 26.89 20.47
N PHE A 164 3.69 25.89 20.80
CA PHE A 164 3.39 24.82 21.74
C PHE A 164 4.39 24.85 22.92
N GLY A 165 5.15 25.94 23.05
CA GLY A 165 6.16 26.16 24.08
C GLY A 165 7.49 25.47 23.82
N LYS A 166 7.60 24.68 22.74
CA LYS A 166 8.71 23.75 22.52
C LYS A 166 9.90 24.49 21.95
N THR A 167 11.00 24.32 22.66
CA THR A 167 12.28 24.93 22.36
C THR A 167 12.96 24.23 21.17
N ALA A 168 14.12 24.74 20.77
CA ALA A 168 14.99 23.98 19.88
C ALA A 168 15.49 22.65 20.50
N PHE A 169 15.76 22.65 21.81
CA PHE A 169 16.23 21.46 22.52
C PHE A 169 15.17 20.35 22.57
N ASP A 170 13.94 20.73 22.94
CA ASP A 170 12.73 19.91 22.75
C ASP A 170 12.74 19.31 21.37
N ILE A 171 12.71 20.13 20.31
CA ILE A 171 12.42 19.56 18.99
C ILE A 171 13.54 18.65 18.47
N SER A 172 14.81 18.86 18.89
CA SER A 172 15.85 17.84 18.68
C SER A 172 15.59 16.51 19.41
N ILE A 173 15.18 16.55 20.68
CA ILE A 173 14.83 15.34 21.44
C ILE A 173 13.66 14.59 20.76
N ASP A 174 12.62 15.30 20.35
CA ASP A 174 11.48 14.74 19.62
C ASP A 174 11.83 14.23 18.21
N ASN A 175 12.97 14.62 17.64
CA ASN A 175 13.46 14.06 16.37
C ASN A 175 14.54 12.99 16.59
N GLY A 176 14.90 12.71 17.84
CA GLY A 176 15.96 11.79 18.24
C GLY A 176 17.30 12.13 17.60
N ASN A 177 17.69 13.40 17.68
CA ASN A 177 18.97 13.85 17.13
C ASN A 177 19.88 14.22 18.31
N GLU A 178 20.48 13.18 18.90
CA GLU A 178 21.14 13.26 20.20
C GLU A 178 22.40 14.12 20.18
N ASP A 179 23.09 14.20 19.05
CA ASP A 179 24.25 15.06 18.83
C ASP A 179 23.86 16.54 18.72
N LEU A 180 22.72 16.82 18.06
CA LEU A 180 22.09 18.14 18.10
C LEU A 180 21.66 18.54 19.52
N ALA A 181 21.12 17.60 20.29
CA ALA A 181 20.70 17.85 21.65
C ALA A 181 21.91 18.22 22.52
N GLU A 182 22.98 17.43 22.46
CA GLU A 182 24.28 17.72 23.05
C GLU A 182 24.80 19.13 22.71
N ILE A 183 24.84 19.47 21.42
CA ILE A 183 25.28 20.79 20.94
C ILE A 183 24.40 21.94 21.45
N LEU A 184 23.12 21.67 21.74
CA LEU A 184 22.17 22.65 22.30
C LEU A 184 22.12 22.65 23.83
N GLN A 185 22.88 21.79 24.54
CA GLN A 185 22.71 21.56 25.98
C GLN A 185 22.58 22.88 26.78
N ARG B 1 -15.75 -36.00 -17.51
CA ARG B 1 -14.65 -36.91 -17.16
C ARG B 1 -14.77 -37.34 -15.71
N GLU B 2 -14.25 -38.51 -15.41
CA GLU B 2 -14.27 -39.03 -14.06
C GLU B 2 -12.83 -39.35 -13.72
N PHE B 3 -12.44 -39.08 -12.49
CA PHE B 3 -11.09 -39.40 -12.06
C PHE B 3 -11.27 -40.03 -10.70
N THR B 4 -10.25 -40.70 -10.25
CA THR B 4 -10.30 -41.27 -8.93
C THR B 4 -9.27 -40.56 -8.11
N ILE B 5 -9.59 -40.28 -6.85
CA ILE B 5 -8.54 -39.82 -5.98
C ILE B 5 -8.45 -40.94 -4.97
N ASP B 6 -7.31 -41.61 -5.01
CA ASP B 6 -7.09 -42.79 -4.20
C ASP B 6 -6.20 -42.44 -3.01
N PHE B 7 -6.79 -42.53 -1.84
CA PHE B 7 -6.11 -42.18 -0.61
C PHE B 7 -5.33 -43.33 0.04
N SER B 8 -5.16 -44.41 -0.71
CA SER B 8 -4.47 -45.58 -0.15
C SER B 8 -3.10 -45.26 0.40
N THR B 9 -2.30 -44.54 -0.40
CA THR B 9 -0.96 -44.20 0.05
C THR B 9 -0.61 -42.80 -0.44
N GLN B 10 0.52 -42.28 0.00
CA GLN B 10 0.88 -40.94 -0.49
C GLN B 10 1.10 -41.02 -1.98
N GLN B 11 1.73 -42.11 -2.42
CA GLN B 11 1.93 -42.30 -3.85
C GLN B 11 0.62 -42.33 -4.61
N SER B 12 -0.35 -43.09 -4.15
CA SER B 12 -1.56 -43.17 -4.92
C SER B 12 -2.29 -41.85 -4.93
N TYR B 13 -2.22 -41.16 -3.81
CA TYR B 13 -2.92 -39.88 -3.65
C TYR B 13 -2.30 -38.82 -4.58
N VAL B 14 -0.97 -38.66 -4.51
CA VAL B 14 -0.30 -37.67 -5.36
C VAL B 14 -0.46 -38.06 -6.80
N SER B 15 -0.32 -39.34 -7.09
CA SER B 15 -0.52 -39.77 -8.49
C SER B 15 -1.89 -39.33 -8.99
N SER B 16 -2.90 -39.58 -8.17
CA SER B 16 -4.27 -39.23 -8.51
C SER B 16 -4.38 -37.75 -8.77
N LEU B 17 -3.82 -36.93 -7.89
CA LEU B 17 -3.95 -35.51 -8.10
C LEU B 17 -3.21 -35.08 -9.37
N ASN B 18 -2.01 -35.62 -9.58
CA ASN B 18 -1.24 -35.23 -10.74
C ASN B 18 -1.96 -35.59 -12.00
N SER B 19 -2.64 -36.74 -12.03
CA SER B 19 -3.37 -37.17 -13.22
C SER B 19 -4.50 -36.21 -13.51
N ILE B 20 -5.17 -35.76 -12.45
CA ILE B 20 -6.28 -34.83 -12.66
C ILE B 20 -5.72 -33.55 -13.26
N ARG B 21 -4.65 -33.05 -12.63
CA ARG B 21 -4.06 -31.81 -13.07
C ARG B 21 -3.65 -31.88 -14.53
N THR B 22 -2.98 -32.96 -14.90
CA THR B 22 -2.54 -33.01 -16.28
C THR B 22 -3.69 -32.97 -17.25
N GLU B 23 -4.79 -33.59 -16.89
CA GLU B 23 -5.91 -33.61 -17.84
C GLU B 23 -6.64 -32.27 -17.90
N ILE B 24 -6.74 -31.57 -16.78
CA ILE B 24 -7.55 -30.35 -16.82
C ILE B 24 -6.84 -29.03 -16.92
N SER B 25 -5.51 -29.07 -16.97
CA SER B 25 -4.75 -27.86 -17.00
C SER B 25 -3.51 -27.93 -17.84
N THR B 26 -2.95 -26.76 -18.11
CA THR B 26 -1.76 -26.72 -18.92
C THR B 26 -0.66 -25.93 -18.16
N PRO B 27 0.54 -26.48 -18.12
CA PRO B 27 1.60 -25.77 -17.40
C PRO B 27 1.90 -24.36 -17.91
N LEU B 28 2.23 -23.48 -16.98
CA LEU B 28 2.67 -22.15 -17.33
C LEU B 28 4.07 -22.34 -17.91
N GLU B 29 4.34 -21.66 -19.02
CA GLU B 29 5.66 -21.76 -19.64
C GLU B 29 6.76 -21.40 -18.65
N HIS B 30 6.50 -20.37 -17.85
CA HIS B 30 7.52 -19.89 -16.92
C HIS B 30 7.55 -20.41 -15.53
N ILE B 31 6.68 -21.37 -15.23
CA ILE B 31 6.71 -21.92 -13.91
C ILE B 31 6.48 -23.40 -14.10
N SER B 32 7.51 -24.06 -14.61
CA SER B 32 7.38 -25.46 -14.90
C SER B 32 8.75 -26.08 -14.82
N GLN B 33 8.85 -27.16 -14.05
CA GLN B 33 10.13 -27.88 -14.01
C GLN B 33 9.75 -29.32 -14.21
N GLY B 34 10.41 -29.97 -15.18
CA GLY B 34 10.02 -31.36 -15.43
C GLY B 34 8.54 -31.36 -15.67
N THR B 35 7.83 -32.29 -15.03
CA THR B 35 6.38 -32.33 -15.19
C THR B 35 5.71 -31.83 -13.92
N THR B 36 6.38 -30.94 -13.19
CA THR B 36 5.77 -30.38 -12.00
C THR B 36 5.69 -28.89 -12.27
N SER B 37 4.48 -28.37 -12.34
CA SER B 37 4.40 -26.95 -12.71
C SER B 37 3.28 -26.29 -11.98
N VAL B 38 3.15 -24.99 -12.25
CA VAL B 38 1.93 -24.30 -11.84
C VAL B 38 1.20 -24.38 -13.17
N SER B 39 0.00 -24.94 -13.20
CA SER B 39 -0.73 -25.11 -14.46
C SER B 39 -1.99 -24.28 -14.43
N VAL B 40 -2.43 -23.88 -15.61
CA VAL B 40 -3.64 -23.06 -15.69
C VAL B 40 -4.73 -23.98 -16.15
N ILE B 41 -5.87 -23.91 -15.46
CA ILE B 41 -6.97 -24.74 -15.86
C ILE B 41 -7.37 -24.41 -17.31
N ASN B 42 -7.48 -25.44 -18.13
CA ASN B 42 -7.87 -25.26 -19.52
C ASN B 42 -9.27 -24.72 -19.58
N HIS B 43 -9.48 -23.80 -20.50
CA HIS B 43 -10.82 -23.25 -20.61
C HIS B 43 -11.90 -24.33 -20.86
N THR B 44 -12.99 -24.25 -20.10
CA THR B 44 -14.11 -25.16 -20.30
C THR B 44 -15.33 -24.30 -20.05
N PRO B 45 -16.47 -24.66 -20.62
CA PRO B 45 -17.70 -23.90 -20.43
C PRO B 45 -18.14 -23.92 -18.98
N PRO B 46 -18.77 -22.85 -18.50
CA PRO B 46 -19.20 -22.90 -17.10
C PRO B 46 -20.23 -24.02 -17.05
N GLY B 47 -20.25 -24.78 -15.96
CA GLY B 47 -21.19 -25.90 -15.89
C GLY B 47 -20.44 -27.20 -16.15
N SER B 48 -19.27 -27.10 -16.80
CA SER B 48 -18.45 -28.31 -17.07
C SER B 48 -17.95 -28.80 -15.72
N TYR B 49 -17.97 -30.09 -15.48
CA TYR B 49 -17.49 -30.57 -14.18
C TYR B 49 -16.80 -31.86 -14.45
N PHE B 50 -16.05 -32.33 -13.46
CA PHE B 50 -15.49 -33.66 -13.56
C PHE B 50 -15.84 -34.28 -12.22
N ALA B 51 -15.98 -35.57 -12.27
CA ALA B 51 -16.33 -36.33 -11.10
C ALA B 51 -15.05 -36.88 -10.49
N VAL B 52 -15.03 -36.97 -9.17
CA VAL B 52 -13.89 -37.56 -8.48
C VAL B 52 -14.44 -38.68 -7.61
N ASP B 53 -14.05 -39.91 -7.89
CA ASP B 53 -14.45 -41.04 -7.10
C ASP B 53 -13.45 -41.13 -5.97
N ILE B 54 -13.95 -41.15 -4.74
CA ILE B 54 -13.06 -41.22 -3.60
C ILE B 54 -12.78 -42.71 -3.37
N ARG B 55 -11.50 -43.07 -3.33
CA ARG B 55 -11.12 -44.46 -3.11
C ARG B 55 -9.99 -44.53 -2.11
N GLY B 56 -9.75 -45.74 -1.63
CA GLY B 56 -8.60 -45.94 -0.76
C GLY B 56 -8.67 -45.38 0.62
N LEU B 57 -9.86 -45.02 1.13
CA LEU B 57 -9.93 -44.50 2.53
C LEU B 57 -9.45 -45.62 3.45
N ASP B 58 -9.78 -46.85 3.08
CA ASP B 58 -9.27 -48.05 3.78
C ASP B 58 -8.25 -48.49 2.72
N VAL B 59 -6.99 -48.39 3.05
CA VAL B 59 -5.89 -48.60 2.11
C VAL B 59 -6.08 -49.78 1.18
N TYR B 60 -6.09 -49.48 -0.12
CA TYR B 60 -6.20 -50.44 -1.20
C TYR B 60 -7.41 -51.37 -1.17
N GLN B 61 -8.45 -51.02 -0.42
CA GLN B 61 -9.62 -51.88 -0.33
C GLN B 61 -10.78 -51.26 -1.02
N ALA B 62 -11.58 -52.10 -1.66
CA ALA B 62 -12.76 -51.60 -2.34
C ALA B 62 -13.85 -51.55 -1.26
N ARG B 63 -13.71 -50.58 -0.37
CA ARG B 63 -14.62 -50.36 0.77
C ARG B 63 -14.78 -48.84 0.76
N PHE B 64 -15.84 -48.36 1.41
CA PHE B 64 -16.08 -46.93 1.49
C PHE B 64 -15.87 -46.33 0.11
N ASP B 65 -16.50 -46.92 -0.87
CA ASP B 65 -16.34 -46.53 -2.24
C ASP B 65 -17.56 -45.99 -2.98
N HIS B 66 -18.47 -45.38 -2.23
CA HIS B 66 -19.70 -44.84 -2.82
C HIS B 66 -19.77 -43.32 -2.86
N LEU B 67 -18.65 -42.66 -2.65
CA LEU B 67 -18.68 -41.22 -2.66
C LEU B 67 -17.98 -40.68 -3.87
N ARG B 68 -18.66 -39.78 -4.56
CA ARG B 68 -18.08 -39.13 -5.70
C ARG B 68 -18.27 -37.64 -5.48
N LEU B 69 -17.24 -36.85 -5.73
CA LEU B 69 -17.39 -35.41 -5.60
C LEU B 69 -17.63 -34.90 -7.00
N ILE B 70 -18.44 -33.87 -7.12
CA ILE B 70 -18.66 -33.25 -8.44
C ILE B 70 -17.92 -31.93 -8.35
N ILE B 71 -16.96 -31.76 -9.24
CA ILE B 71 -16.12 -30.59 -9.20
C ILE B 71 -16.29 -29.78 -10.44
N GLU B 72 -16.63 -28.51 -10.26
CA GLU B 72 -16.80 -27.65 -11.42
C GLU B 72 -15.38 -27.46 -11.94
N GLN B 73 -15.19 -27.76 -13.20
CA GLN B 73 -13.85 -27.76 -13.72
C GLN B 73 -13.17 -26.43 -13.82
N ASN B 74 -13.88 -25.36 -14.17
CA ASN B 74 -13.17 -24.11 -14.35
C ASN B 74 -12.61 -23.53 -13.06
N ASN B 75 -13.26 -23.82 -11.95
CA ASN B 75 -12.78 -23.21 -10.72
C ASN B 75 -12.50 -24.17 -9.62
N LEU B 76 -12.62 -25.46 -9.94
CA LEU B 76 -12.37 -26.51 -8.96
C LEU B 76 -13.23 -26.50 -7.71
N TYR B 77 -14.36 -25.79 -7.71
CA TYR B 77 -15.17 -25.85 -6.52
C TYR B 77 -15.92 -27.16 -6.47
N VAL B 78 -16.17 -27.67 -5.27
CA VAL B 78 -16.93 -28.89 -5.13
C VAL B 78 -18.39 -28.44 -5.15
N ALA B 79 -19.08 -28.81 -6.21
CA ALA B 79 -20.45 -28.38 -6.45
C ALA B 79 -21.42 -29.24 -5.66
N GLY B 80 -20.92 -30.37 -5.18
CA GLY B 80 -21.79 -31.27 -4.46
C GLY B 80 -21.15 -32.64 -4.44
N PHE B 81 -21.89 -33.62 -3.94
CA PHE B 81 -21.36 -34.96 -3.83
C PHE B 81 -22.43 -35.93 -4.23
N VAL B 82 -21.98 -37.07 -4.72
CA VAL B 82 -22.90 -38.10 -5.19
C VAL B 82 -22.71 -39.33 -4.31
N ASN B 83 -23.84 -39.88 -3.87
CA ASN B 83 -23.84 -41.13 -3.12
C ASN B 83 -24.09 -42.08 -4.30
N THR B 84 -23.07 -42.87 -4.67
CA THR B 84 -23.25 -43.71 -5.83
C THR B 84 -24.04 -44.95 -5.48
N ALA B 85 -24.27 -45.19 -4.19
CA ALA B 85 -25.06 -46.38 -3.83
C ALA B 85 -26.52 -46.01 -4.06
N THR B 86 -26.90 -44.81 -3.66
CA THR B 86 -28.29 -44.38 -3.89
C THR B 86 -28.44 -43.61 -5.19
N ASN B 87 -27.35 -43.36 -5.90
CA ASN B 87 -27.41 -42.62 -7.16
C ASN B 87 -28.03 -41.24 -6.94
N THR B 88 -27.57 -40.56 -5.89
CA THR B 88 -28.11 -39.24 -5.56
C THR B 88 -26.98 -38.20 -5.52
N PHE B 89 -27.19 -37.11 -6.25
CA PHE B 89 -26.28 -35.99 -6.31
C PHE B 89 -26.82 -34.87 -5.41
N TYR B 90 -26.13 -34.59 -4.33
CA TYR B 90 -26.49 -33.50 -3.38
C TYR B 90 -25.70 -32.32 -3.88
N ARG B 91 -26.42 -31.34 -4.41
CA ARG B 91 -25.80 -30.21 -5.07
C ARG B 91 -25.98 -28.95 -4.28
N PHE B 92 -24.90 -28.20 -4.11
CA PHE B 92 -24.99 -26.94 -3.36
C PHE B 92 -25.87 -25.94 -4.11
N SER B 93 -26.47 -25.02 -3.33
CA SER B 93 -27.43 -24.11 -3.91
C SER B 93 -26.87 -23.18 -4.94
N ASP B 94 -25.56 -22.98 -4.91
CA ASP B 94 -24.92 -22.09 -5.84
C ASP B 94 -24.43 -22.77 -7.05
N PHE B 95 -24.84 -24.02 -7.22
CA PHE B 95 -24.40 -24.78 -8.36
C PHE B 95 -25.53 -25.37 -9.13
N THR B 96 -26.66 -24.66 -9.18
CA THR B 96 -27.78 -25.20 -9.92
C THR B 96 -27.43 -25.30 -11.41
N HIS B 97 -26.39 -24.63 -11.85
CA HIS B 97 -25.97 -24.73 -13.26
C HIS B 97 -25.18 -26.00 -13.54
N ILE B 98 -24.96 -26.85 -12.53
CA ILE B 98 -24.21 -28.07 -12.77
C ILE B 98 -25.22 -29.20 -12.83
N SER B 99 -25.27 -29.88 -13.97
CA SER B 99 -26.22 -30.96 -14.07
C SER B 99 -25.48 -32.25 -14.29
N VAL B 100 -25.80 -33.23 -13.46
CA VAL B 100 -25.16 -34.51 -13.58
C VAL B 100 -26.21 -35.46 -14.14
N PRO B 101 -25.95 -36.00 -15.33
CA PRO B 101 -26.94 -36.92 -15.90
C PRO B 101 -26.95 -38.27 -15.18
N GLY B 102 -28.09 -38.94 -15.18
CA GLY B 102 -28.18 -40.26 -14.60
C GLY B 102 -28.35 -40.41 -13.12
N VAL B 103 -28.48 -39.30 -12.40
CA VAL B 103 -28.62 -39.41 -10.97
C VAL B 103 -29.83 -38.60 -10.57
N THR B 104 -30.26 -38.78 -9.33
CA THR B 104 -31.36 -37.99 -8.81
C THR B 104 -30.63 -36.78 -8.23
N THR B 105 -31.01 -35.57 -8.63
CA THR B 105 -30.35 -34.40 -8.10
C THR B 105 -31.16 -33.86 -6.94
N VAL B 106 -30.50 -33.67 -5.83
CA VAL B 106 -31.16 -33.08 -4.67
C VAL B 106 -30.52 -31.72 -4.58
N SER B 107 -31.31 -30.69 -4.88
CA SER B 107 -30.81 -29.33 -4.83
C SER B 107 -30.88 -28.88 -3.38
N MET B 108 -29.74 -28.51 -2.85
CA MET B 108 -29.71 -28.15 -1.44
C MET B 108 -29.96 -26.69 -1.18
N THR B 109 -30.36 -26.37 0.03
CA THR B 109 -30.56 -25.00 0.42
C THR B 109 -29.19 -24.41 0.81
N THR B 110 -28.24 -25.29 1.14
CA THR B 110 -26.92 -24.86 1.60
C THR B 110 -26.00 -24.53 0.42
N ASP B 111 -25.31 -23.41 0.52
CA ASP B 111 -24.41 -23.06 -0.56
C ASP B 111 -23.08 -23.67 -0.22
N SER B 112 -22.20 -23.64 -1.20
CA SER B 112 -20.91 -24.26 -1.11
C SER B 112 -19.81 -23.52 -0.39
N SER B 113 -20.06 -22.27 -0.01
CA SER B 113 -18.98 -21.50 0.56
C SER B 113 -18.40 -22.01 1.87
N TYR B 114 -17.13 -21.70 2.09
CA TYR B 114 -16.53 -22.05 3.34
C TYR B 114 -17.22 -21.28 4.44
N THR B 115 -17.65 -20.05 4.16
CA THR B 115 -18.32 -19.31 5.23
C THR B 115 -19.52 -20.12 5.73
N THR B 116 -20.33 -20.58 4.80
CA THR B 116 -21.47 -21.38 5.20
C THR B 116 -21.08 -22.71 5.80
N LEU B 117 -20.18 -23.44 5.12
CA LEU B 117 -19.87 -24.77 5.62
C LEU B 117 -19.29 -24.75 6.98
N GLN B 118 -18.41 -23.78 7.24
CA GLN B 118 -17.79 -23.68 8.55
C GLN B 118 -18.85 -23.37 9.60
N ARG B 119 -19.80 -22.54 9.21
CA ARG B 119 -20.87 -22.20 10.15
C ARG B 119 -21.72 -23.42 10.46
N VAL B 120 -22.20 -24.09 9.43
CA VAL B 120 -23.05 -25.26 9.62
C VAL B 120 -22.25 -26.35 10.32
N ALA B 121 -20.97 -26.46 9.96
CA ALA B 121 -20.13 -27.50 10.56
C ALA B 121 -19.68 -27.17 11.97
N ALA B 122 -19.79 -25.90 12.35
CA ALA B 122 -19.28 -25.43 13.65
C ALA B 122 -17.83 -25.96 13.67
N LEU B 123 -17.11 -25.66 12.59
CA LEU B 123 -15.73 -26.12 12.47
C LEU B 123 -14.98 -25.11 11.63
N GLU B 124 -13.95 -24.51 12.20
CA GLU B 124 -13.14 -23.57 11.44
C GLU B 124 -12.04 -24.35 10.68
N ARG B 125 -11.73 -23.91 9.47
CA ARG B 125 -10.69 -24.60 8.73
C ARG B 125 -9.34 -24.37 9.35
N SER B 126 -9.14 -23.19 9.95
CA SER B 126 -7.85 -22.97 10.55
C SER B 126 -7.79 -23.84 11.76
N GLY B 127 -6.87 -24.82 11.74
CA GLY B 127 -6.75 -25.72 12.87
C GLY B 127 -7.54 -27.00 12.67
N MET B 128 -8.27 -27.10 11.56
CA MET B 128 -9.05 -28.28 11.29
C MET B 128 -8.12 -29.45 11.08
N GLN B 129 -8.44 -30.56 11.72
CA GLN B 129 -7.64 -31.76 11.59
C GLN B 129 -8.26 -32.68 10.62
N ILE B 130 -7.41 -33.38 9.85
CA ILE B 130 -7.91 -34.35 8.91
C ILE B 130 -6.97 -35.50 9.02
N SER B 131 -7.53 -36.69 9.13
CA SER B 131 -6.67 -37.88 9.21
C SER B 131 -7.39 -38.89 8.37
N ARG B 132 -6.75 -40.02 8.12
CA ARG B 132 -7.44 -41.05 7.38
C ARG B 132 -8.72 -41.38 8.14
N HIS B 133 -8.60 -41.51 9.45
CA HIS B 133 -9.79 -41.84 10.26
C HIS B 133 -10.91 -40.78 10.10
N SER B 134 -10.57 -39.50 10.12
CA SER B 134 -11.67 -38.56 9.96
C SER B 134 -12.18 -38.50 8.54
N LEU B 135 -11.41 -38.96 7.55
CA LEU B 135 -11.97 -38.98 6.21
C LEU B 135 -12.95 -40.14 6.12
N VAL B 136 -12.66 -41.23 6.82
CA VAL B 136 -13.60 -42.34 6.82
C VAL B 136 -14.87 -41.87 7.51
N SER B 137 -14.72 -41.19 8.63
CA SER B 137 -15.88 -40.67 9.36
C SER B 137 -16.63 -39.71 8.45
N SER B 138 -15.87 -38.88 7.72
CA SER B 138 -16.46 -37.90 6.82
C SER B 138 -17.22 -38.64 5.72
N TYR B 139 -16.64 -39.72 5.23
CA TYR B 139 -17.28 -40.48 4.17
C TYR B 139 -18.62 -41.04 4.71
N LEU B 140 -18.57 -41.63 5.89
CA LEU B 140 -19.76 -42.23 6.48
C LEU B 140 -20.86 -41.18 6.70
N ALA B 141 -20.44 -40.00 7.15
CA ALA B 141 -21.39 -38.92 7.34
C ALA B 141 -22.04 -38.59 6.00
N LEU B 142 -21.24 -38.51 4.93
CA LEU B 142 -21.83 -38.18 3.64
C LEU B 142 -22.71 -39.27 3.14
N MET B 143 -22.37 -40.52 3.43
CA MET B 143 -23.21 -41.57 2.92
C MET B 143 -24.51 -41.64 3.71
N GLU B 144 -24.48 -41.19 4.95
CA GLU B 144 -25.67 -41.26 5.79
C GLU B 144 -26.53 -40.03 5.53
N PHE B 145 -25.93 -39.00 4.94
CA PHE B 145 -26.64 -37.78 4.68
C PHE B 145 -27.77 -37.97 3.71
N SER B 146 -28.88 -37.30 3.99
CA SER B 146 -30.03 -37.38 3.14
C SER B 146 -30.63 -36.01 3.45
N GLY B 147 -31.31 -35.44 2.49
CA GLY B 147 -31.86 -34.13 2.80
C GLY B 147 -31.40 -33.08 1.83
N ASN B 148 -32.10 -31.96 1.84
CA ASN B 148 -31.85 -30.83 0.93
C ASN B 148 -31.09 -29.74 1.74
N THR B 149 -30.78 -30.03 2.98
CA THR B 149 -30.08 -29.04 3.82
C THR B 149 -28.92 -29.72 4.54
N MET B 150 -27.71 -29.20 4.34
CA MET B 150 -26.55 -29.84 4.97
C MET B 150 -26.68 -29.83 6.49
N THR B 151 -26.17 -30.88 7.11
CA THR B 151 -26.14 -31.04 8.55
C THR B 151 -24.74 -30.71 9.00
N ARG B 152 -24.54 -30.61 10.31
CA ARG B 152 -23.24 -30.29 10.79
C ARG B 152 -22.23 -31.34 10.33
N ASP B 153 -22.52 -32.61 10.55
CA ASP B 153 -21.55 -33.60 10.17
C ASP B 153 -21.29 -33.71 8.69
N ALA B 154 -22.30 -33.46 7.88
CA ALA B 154 -22.07 -33.54 6.45
C ALA B 154 -21.18 -32.35 6.05
N SER B 155 -21.39 -31.20 6.71
CA SER B 155 -20.60 -30.01 6.39
C SER B 155 -19.17 -30.24 6.82
N ARG B 156 -18.99 -30.88 7.95
CA ARG B 156 -17.61 -31.14 8.39
C ARG B 156 -16.96 -32.07 7.37
N ALA B 157 -17.71 -33.04 6.90
CA ALA B 157 -17.17 -34.02 5.92
C ALA B 157 -16.76 -33.29 4.65
N VAL B 158 -17.64 -32.38 4.19
CA VAL B 158 -17.33 -31.67 2.97
C VAL B 158 -16.12 -30.78 3.22
N LEU B 159 -16.02 -30.13 4.37
CA LEU B 159 -14.85 -29.29 4.57
C LEU B 159 -13.58 -30.13 4.46
N ARG B 160 -13.63 -31.33 5.01
CA ARG B 160 -12.43 -32.15 5.00
C ARG B 160 -12.14 -32.64 3.57
N PHE B 161 -13.19 -33.10 2.89
CA PHE B 161 -12.97 -33.60 1.55
C PHE B 161 -12.57 -32.52 0.54
N VAL B 162 -13.14 -31.32 0.67
CA VAL B 162 -12.77 -30.27 -0.27
C VAL B 162 -11.31 -29.96 -0.06
N THR B 163 -10.88 -29.98 1.19
CA THR B 163 -9.49 -29.65 1.47
C THR B 163 -8.53 -30.61 0.83
N VAL B 164 -8.83 -31.89 0.96
CA VAL B 164 -7.89 -32.89 0.48
C VAL B 164 -8.08 -33.21 -0.97
N THR B 165 -9.06 -32.62 -1.60
CA THR B 165 -9.23 -32.90 -3.00
C THR B 165 -9.01 -31.61 -3.78
N ALA B 166 -10.02 -30.74 -3.84
CA ALA B 166 -9.93 -29.50 -4.60
C ALA B 166 -8.79 -28.65 -4.09
N GLU B 167 -8.63 -28.47 -2.77
CA GLU B 167 -7.57 -27.54 -2.36
C GLU B 167 -6.18 -28.13 -2.61
N ALA B 168 -6.05 -29.42 -2.44
CA ALA B 168 -4.78 -30.09 -2.69
C ALA B 168 -4.50 -30.01 -4.20
N LEU B 169 -5.54 -30.12 -5.02
CA LEU B 169 -5.32 -29.99 -6.47
C LEU B 169 -4.75 -28.62 -6.78
N ARG B 170 -5.29 -27.59 -6.12
CA ARG B 170 -4.78 -26.24 -6.37
C ARG B 170 -3.40 -25.99 -5.81
N PHE B 171 -3.23 -26.49 -4.59
CA PHE B 171 -1.99 -26.22 -3.87
C PHE B 171 -1.17 -27.42 -3.52
N ARG B 172 -0.01 -27.51 -4.17
CA ARG B 172 0.92 -28.59 -3.89
C ARG B 172 1.29 -28.52 -2.40
N GLN B 173 1.18 -27.34 -1.79
CA GLN B 173 1.51 -27.26 -0.36
C GLN B 173 0.56 -28.10 0.47
N ILE B 174 -0.71 -28.00 0.14
CA ILE B 174 -1.70 -28.76 0.87
C ILE B 174 -1.59 -30.24 0.53
N GLN B 175 -1.31 -30.53 -0.74
CA GLN B 175 -1.11 -31.93 -1.12
C GLN B 175 0.04 -32.49 -0.26
N ARG B 176 1.12 -31.72 -0.15
CA ARG B 176 2.27 -32.19 0.60
C ARG B 176 2.02 -32.39 2.08
N GLU B 177 1.37 -31.40 2.67
CA GLU B 177 1.13 -31.47 4.10
C GLU B 177 0.11 -32.54 4.43
N PHE B 178 -0.98 -32.57 3.69
CA PHE B 178 -2.01 -33.53 3.98
C PHE B 178 -1.55 -34.94 3.72
N ARG B 179 -0.78 -35.16 2.64
CA ARG B 179 -0.44 -36.53 2.34
C ARG B 179 0.26 -37.27 3.46
N GLN B 180 0.91 -36.56 4.37
CA GLN B 180 1.56 -37.24 5.48
C GLN B 180 0.54 -38.08 6.27
N ALA B 181 -0.70 -37.59 6.39
CA ALA B 181 -1.75 -38.30 7.14
C ALA B 181 -2.07 -39.66 6.52
N LEU B 182 -1.67 -39.86 5.28
CA LEU B 182 -1.96 -41.12 4.61
C LEU B 182 -0.91 -42.18 4.84
N SER B 183 0.15 -41.83 5.57
CA SER B 183 1.22 -42.79 5.74
C SER B 183 0.81 -43.78 6.78
N GLU B 184 1.56 -44.87 6.85
CA GLU B 184 1.30 -45.94 7.79
C GLU B 184 1.26 -45.47 9.24
N THR B 185 1.90 -44.36 9.55
CA THR B 185 1.89 -43.90 10.92
C THR B 185 0.56 -43.18 11.21
N ALA B 186 -0.17 -42.85 10.14
CA ALA B 186 -1.47 -42.18 10.24
C ALA B 186 -1.43 -40.93 11.13
N PRO B 187 -0.49 -40.01 10.86
CA PRO B 187 -0.48 -38.82 11.73
C PRO B 187 -1.71 -37.98 11.36
N VAL B 188 -1.88 -36.87 12.06
CA VAL B 188 -3.00 -36.01 11.77
C VAL B 188 -2.50 -34.80 10.98
N TYR B 189 -3.22 -34.41 9.93
CA TYR B 189 -2.85 -33.21 9.20
C TYR B 189 -3.63 -32.12 9.89
N THR B 190 -2.98 -31.00 10.20
CA THR B 190 -3.75 -29.92 10.79
C THR B 190 -3.64 -28.78 9.82
N MET B 191 -4.78 -28.30 9.37
CA MET B 191 -4.77 -27.21 8.43
C MET B 191 -4.30 -25.95 9.14
N THR B 192 -3.28 -25.35 8.57
CA THR B 192 -2.67 -24.17 9.15
C THR B 192 -3.27 -22.88 8.64
N PRO B 193 -2.98 -21.81 9.35
CA PRO B 193 -3.50 -20.50 8.92
C PRO B 193 -2.92 -20.25 7.55
N GLY B 194 -1.68 -20.66 7.34
CA GLY B 194 -1.03 -20.42 6.04
C GLY B 194 -1.74 -21.21 4.96
N ASP B 195 -2.11 -22.44 5.29
CA ASP B 195 -2.87 -23.24 4.29
C ASP B 195 -4.19 -22.50 3.98
N VAL B 196 -4.88 -22.05 5.05
CA VAL B 196 -6.15 -21.36 4.82
C VAL B 196 -5.91 -20.14 3.95
N ASP B 197 -4.89 -19.36 4.25
CA ASP B 197 -4.62 -18.19 3.47
C ASP B 197 -4.39 -18.53 2.00
N LEU B 198 -3.69 -19.62 1.71
CA LEU B 198 -3.52 -19.95 0.31
C LEU B 198 -4.87 -20.13 -0.35
N THR B 199 -5.74 -20.88 0.30
CA THR B 199 -7.01 -21.16 -0.31
C THR B 199 -7.83 -19.92 -0.51
N LEU B 200 -7.60 -18.94 0.35
CA LEU B 200 -8.38 -17.70 0.28
C LEU B 200 -7.82 -16.75 -0.79
N ASN B 201 -6.63 -17.04 -1.27
CA ASN B 201 -5.98 -16.16 -2.23
C ASN B 201 -5.77 -16.80 -3.57
N TRP B 202 -6.48 -17.88 -3.79
CA TRP B 202 -6.28 -18.62 -5.02
C TRP B 202 -6.53 -17.77 -6.26
N GLY B 203 -7.65 -17.06 -6.29
CA GLY B 203 -7.91 -16.23 -7.47
C GLY B 203 -6.83 -15.16 -7.63
N ARG B 204 -6.42 -14.54 -6.53
CA ARG B 204 -5.41 -13.50 -6.67
C ARG B 204 -4.10 -14.08 -7.16
N ILE B 205 -3.75 -15.21 -6.58
CA ILE B 205 -2.52 -15.88 -7.00
C ILE B 205 -2.61 -16.21 -8.47
N SER B 206 -3.78 -16.68 -8.87
CA SER B 206 -4.02 -17.06 -10.28
C SER B 206 -3.82 -15.91 -11.26
N ASN B 207 -4.14 -14.71 -10.81
CA ASN B 207 -4.04 -13.55 -11.71
C ASN B 207 -2.62 -13.09 -11.84
N VAL B 208 -1.81 -13.39 -10.83
CA VAL B 208 -0.45 -12.93 -10.83
C VAL B 208 0.56 -13.85 -11.43
N LEU B 209 0.44 -15.14 -11.09
CA LEU B 209 1.48 -16.07 -11.57
C LEU B 209 1.71 -16.11 -13.08
N PRO B 210 0.67 -15.92 -13.88
CA PRO B 210 0.93 -15.95 -15.34
C PRO B 210 1.89 -14.87 -15.75
N GLU B 211 2.06 -13.82 -14.94
CA GLU B 211 2.94 -12.73 -15.31
C GLU B 211 4.36 -12.95 -14.86
N TYR B 212 4.56 -13.96 -14.03
CA TYR B 212 5.89 -14.26 -13.53
C TYR B 212 6.89 -14.56 -14.68
N ARG B 213 8.04 -13.92 -14.60
CA ARG B 213 9.08 -14.11 -15.60
C ARG B 213 10.42 -14.23 -14.91
N GLY B 214 10.43 -14.96 -13.82
CA GLY B 214 11.67 -15.19 -13.09
C GLY B 214 12.10 -14.11 -12.11
N GLU B 215 11.16 -13.27 -11.67
CA GLU B 215 11.51 -12.25 -10.69
C GLU B 215 11.99 -12.92 -9.45
N ASP B 216 12.70 -12.18 -8.61
CA ASP B 216 13.20 -12.70 -7.36
C ASP B 216 12.16 -13.02 -6.33
N GLY B 217 10.91 -12.73 -6.60
CA GLY B 217 9.91 -13.06 -5.60
C GLY B 217 8.56 -12.68 -6.12
N VAL B 218 7.53 -13.14 -5.42
CA VAL B 218 6.17 -12.86 -5.85
C VAL B 218 5.46 -12.55 -4.57
N ARG B 219 4.66 -11.49 -4.62
CA ARG B 219 3.94 -11.12 -3.42
C ARG B 219 2.51 -10.93 -3.82
N VAL B 220 1.62 -11.66 -3.15
CA VAL B 220 0.23 -11.52 -3.48
C VAL B 220 -0.43 -11.45 -2.14
N GLY B 221 -0.85 -10.26 -1.75
CA GLY B 221 -1.46 -10.14 -0.42
C GLY B 221 -0.51 -10.66 0.66
N ARG B 222 -1.04 -11.56 1.46
CA ARG B 222 -0.29 -12.14 2.55
C ARG B 222 0.64 -13.26 2.13
N ILE B 223 0.60 -13.59 0.84
CA ILE B 223 1.37 -14.71 0.31
C ILE B 223 2.69 -14.23 -0.28
N SER B 224 3.78 -14.91 0.04
CA SER B 224 5.04 -14.51 -0.50
C SER B 224 5.77 -15.76 -1.02
N PHE B 225 6.37 -15.63 -2.19
CA PHE B 225 7.15 -16.72 -2.77
C PHE B 225 8.48 -16.10 -3.08
N ASN B 226 9.53 -16.67 -2.51
CA ASN B 226 10.84 -16.11 -2.75
C ASN B 226 11.66 -16.66 -3.88
N ASN B 227 11.13 -17.63 -4.58
CA ASN B 227 11.91 -18.23 -5.64
C ASN B 227 10.99 -19.25 -6.31
N ILE B 228 11.41 -19.82 -7.41
CA ILE B 228 10.51 -20.71 -8.08
C ILE B 228 10.20 -21.97 -7.31
N SER B 229 11.11 -22.46 -6.46
CA SER B 229 10.76 -23.69 -5.77
C SER B 229 9.68 -23.42 -4.75
N ALA B 230 9.64 -22.20 -4.21
CA ALA B 230 8.59 -21.87 -3.24
C ALA B 230 7.29 -21.82 -4.02
N ILE B 231 7.33 -21.29 -5.23
CA ILE B 231 6.10 -21.23 -6.00
C ILE B 231 5.61 -22.63 -6.30
N LEU B 232 6.52 -23.45 -6.83
CA LEU B 232 6.16 -24.82 -7.22
C LEU B 232 5.82 -25.68 -6.01
N GLY B 233 6.49 -25.45 -4.90
CA GLY B 233 6.18 -26.26 -3.73
C GLY B 233 4.84 -25.89 -3.15
N THR B 234 4.31 -24.76 -3.62
CA THR B 234 3.09 -24.28 -3.00
C THR B 234 1.89 -24.38 -3.88
N VAL B 235 2.03 -23.93 -5.12
CA VAL B 235 0.88 -23.85 -6.02
C VAL B 235 1.01 -24.83 -7.14
N ALA B 236 -0.09 -25.54 -7.43
CA ALA B 236 -0.07 -26.46 -8.55
C ALA B 236 -0.98 -26.05 -9.70
N VAL B 237 -2.17 -25.56 -9.37
CA VAL B 237 -3.10 -25.25 -10.42
C VAL B 237 -3.75 -23.93 -10.11
N ILE B 238 -3.88 -23.09 -11.14
CA ILE B 238 -4.50 -21.80 -10.95
C ILE B 238 -5.63 -21.63 -11.97
N LEU B 239 -6.49 -20.67 -11.65
CA LEU B 239 -7.61 -20.36 -12.50
C LEU B 239 -7.07 -19.81 -13.77
N ASN B 240 -7.87 -19.94 -14.82
CA ASN B 240 -7.49 -19.40 -16.12
C ASN B 240 -8.00 -17.94 -16.10
N CYS B 241 -7.10 -17.00 -15.91
CA CYS B 241 -7.47 -15.60 -15.86
C CYS B 241 -7.32 -14.93 -17.23
N HIS B 242 -7.69 -15.64 -18.28
CA HIS B 242 -7.60 -15.15 -19.65
C HIS B 242 -8.92 -15.47 -20.35
N GLU B 259 -12.93 -15.06 -10.55
CA GLU B 259 -12.39 -14.46 -9.35
C GLU B 259 -10.91 -14.11 -9.47
N CYS B 260 -10.49 -13.81 -10.69
CA CYS B 260 -9.11 -13.42 -10.92
C CYS B 260 -8.92 -11.95 -10.62
N GLN B 261 -9.97 -11.21 -10.91
CA GLN B 261 -9.92 -9.78 -10.77
C GLN B 261 -10.77 -9.38 -9.60
N ILE B 262 -10.22 -8.51 -8.78
CA ILE B 262 -10.96 -8.02 -7.65
C ILE B 262 -11.45 -6.64 -8.09
N THR B 263 -10.51 -5.82 -8.48
CA THR B 263 -10.83 -4.48 -8.92
C THR B 263 -9.64 -4.07 -9.75
N GLY B 264 -9.82 -3.06 -10.57
CA GLY B 264 -8.73 -2.63 -11.42
C GLY B 264 -8.46 -3.60 -12.58
N ASP B 265 -7.37 -3.37 -13.29
CA ASP B 265 -7.10 -4.21 -14.45
C ASP B 265 -5.64 -4.44 -14.60
N ARG B 266 -4.88 -4.24 -13.54
CA ARG B 266 -3.45 -4.39 -13.70
C ARG B 266 -3.06 -5.52 -12.80
N PRO B 267 -2.66 -6.63 -13.41
CA PRO B 267 -2.31 -7.75 -12.54
C PRO B 267 -1.19 -7.54 -11.59
N VAL B 268 -0.11 -6.95 -12.09
CA VAL B 268 1.08 -6.87 -11.29
C VAL B 268 1.86 -5.61 -11.50
N ILE B 269 2.76 -5.38 -10.55
CA ILE B 269 3.72 -4.31 -10.66
C ILE B 269 5.01 -4.93 -10.21
N LYS B 270 6.07 -4.76 -11.00
CA LYS B 270 7.35 -5.28 -10.56
C LYS B 270 8.02 -4.18 -9.73
N ILE B 271 8.35 -4.49 -8.49
CA ILE B 271 8.97 -3.52 -7.61
C ILE B 271 10.23 -4.18 -7.03
N ASN B 272 11.39 -3.59 -7.28
CA ASN B 272 12.60 -4.19 -6.75
C ASN B 272 12.72 -5.67 -7.02
N ASN B 273 12.56 -5.99 -8.30
CA ASN B 273 12.62 -7.33 -8.84
C ASN B 273 11.73 -8.32 -8.08
N THR B 274 10.60 -7.83 -7.57
CA THR B 274 9.63 -8.71 -6.95
C THR B 274 8.36 -8.38 -7.69
N LEU B 275 7.64 -9.42 -8.08
CA LEU B 275 6.40 -9.27 -8.78
C LEU B 275 5.28 -9.15 -7.74
N TRP B 276 4.72 -7.96 -7.63
CA TRP B 276 3.63 -7.74 -6.70
C TRP B 276 2.27 -7.74 -7.39
N GLU B 277 1.29 -8.29 -6.71
CA GLU B 277 -0.09 -8.15 -7.17
C GLU B 277 -0.25 -6.62 -7.05
N SER B 278 -0.70 -5.96 -8.08
CA SER B 278 -0.77 -4.49 -8.02
C SER B 278 -1.69 -4.02 -6.90
N ASN B 279 -2.77 -4.75 -6.67
CA ASN B 279 -3.75 -4.38 -5.67
C ASN B 279 -3.14 -4.37 -4.31
N THR B 280 -2.19 -5.29 -4.09
CA THR B 280 -1.58 -5.33 -2.79
C THR B 280 -0.76 -4.07 -2.58
N ALA B 281 0.08 -3.71 -3.54
CA ALA B 281 0.89 -2.51 -3.36
C ALA B 281 -0.05 -1.31 -3.23
N ALA B 282 -1.09 -1.26 -4.09
CA ALA B 282 -2.03 -0.13 -4.01
C ALA B 282 -2.61 -0.01 -2.64
N ALA B 283 -2.84 -1.14 -1.98
CA ALA B 283 -3.47 -1.13 -0.65
C ALA B 283 -2.61 -0.67 0.49
N PHE B 284 -1.28 -0.61 0.31
CA PHE B 284 -0.48 0.01 1.36
C PHE B 284 0.15 1.32 0.86
N LEU B 285 -0.13 1.70 -0.38
CA LEU B 285 0.40 2.95 -0.89
C LEU B 285 -0.73 3.96 -1.02
N ASN B 286 -1.86 3.70 -0.40
CA ASN B 286 -2.98 4.63 -0.51
C ASN B 286 -3.17 5.39 0.79
N ARG B 287 -2.11 5.53 1.58
CA ARG B 287 -2.18 6.26 2.82
C ARG B 287 -1.75 7.71 2.60
N LYS B 288 -2.41 8.66 3.26
CA LYS B 288 -1.92 10.03 3.11
C LYS B 288 -0.87 10.24 4.22
N SER B 289 -0.40 11.47 4.34
CA SER B 289 0.61 11.81 5.32
C SER B 289 0.10 11.34 6.68
N GLN B 290 0.96 10.64 7.38
CA GLN B 290 0.61 10.01 8.65
C GLN B 290 0.21 11.07 9.67
N PHE B 291 0.96 12.16 9.70
CA PHE B 291 0.61 13.19 10.67
C PHE B 291 -0.80 13.72 10.42
N LEU B 292 -1.15 13.91 9.16
CA LEU B 292 -2.45 14.45 8.81
C LEU B 292 -3.51 13.41 9.11
N TYR B 293 -3.15 12.15 8.88
CA TYR B 293 -4.11 11.09 9.08
C TYR B 293 -4.51 10.97 10.54
N THR B 294 -3.50 10.94 11.39
CA THR B 294 -3.77 10.72 12.80
C THR B 294 -4.40 11.89 13.50
N THR B 295 -4.03 13.09 13.07
CA THR B 295 -4.56 14.29 13.70
C THR B 295 -5.93 14.67 13.14
N GLY B 296 -6.24 14.23 11.92
CA GLY B 296 -7.51 14.57 11.32
C GLY B 296 -8.60 13.60 11.76
N LYS B 297 -8.95 13.66 13.04
CA LYS B 297 -9.96 12.71 13.56
C LYS B 297 -11.40 13.21 13.40
N ALA C 1 6.62 25.29 -15.67
CA ALA C 1 7.46 24.51 -16.64
C ALA C 1 7.63 23.06 -16.21
N ASP C 2 7.96 22.16 -17.14
CA ASP C 2 8.23 20.79 -16.74
C ASP C 2 9.69 20.71 -16.35
N CYS C 3 9.94 20.78 -15.05
CA CYS C 3 11.30 20.72 -14.51
C CYS C 3 12.03 19.43 -14.80
N ALA C 4 11.33 18.33 -14.64
CA ALA C 4 11.94 17.05 -14.85
C ALA C 4 10.83 16.04 -15.09
N LYS C 5 11.14 15.04 -15.88
CA LYS C 5 10.18 14.00 -16.16
C LYS C 5 10.97 12.73 -16.21
N GLY C 6 10.53 11.73 -15.50
CA GLY C 6 11.24 10.47 -15.50
C GLY C 6 10.82 9.70 -14.27
N LYS C 7 11.59 8.68 -13.94
CA LYS C 7 11.28 7.86 -12.78
C LYS C 7 11.99 8.49 -11.63
N ILE C 8 11.49 8.25 -10.43
CA ILE C 8 12.16 8.79 -9.27
C ILE C 8 13.36 7.89 -8.97
N GLU C 9 14.55 8.49 -8.96
CA GLU C 9 15.81 7.76 -8.76
C GLU C 9 16.02 7.49 -7.30
N PHE C 10 15.65 8.47 -6.47
CA PHE C 10 15.64 8.18 -5.05
C PHE C 10 14.73 9.21 -4.44
N SER C 11 14.30 8.96 -3.22
CA SER C 11 13.50 9.99 -2.56
C SER C 11 14.14 10.06 -1.21
N LYS C 12 13.82 11.12 -0.49
CA LYS C 12 14.44 11.31 0.79
C LYS C 12 13.61 12.21 1.65
N TYR C 13 13.34 11.74 2.86
CA TYR C 13 12.62 12.51 3.86
C TYR C 13 13.72 13.32 4.54
N ASN C 14 13.53 14.63 4.64
CA ASN C 14 14.57 15.51 5.18
C ASN C 14 14.24 15.94 6.60
N GLU C 15 15.25 16.36 7.34
CA GLU C 15 15.08 16.78 8.72
C GLU C 15 14.16 17.95 8.88
N ASP C 16 13.96 18.72 7.83
CA ASP C 16 13.04 19.88 7.95
C ASP C 16 11.62 19.46 7.52
N ASP C 17 11.42 18.14 7.41
CA ASP C 17 10.14 17.58 6.99
C ASP C 17 9.77 17.85 5.58
N THR C 18 10.72 18.24 4.73
CA THR C 18 10.41 18.37 3.34
C THR C 18 10.82 17.01 2.76
N PHE C 19 10.61 16.85 1.47
CA PHE C 19 10.85 15.55 0.86
C PHE C 19 11.52 15.81 -0.48
N THR C 20 12.61 15.09 -0.74
CA THR C 20 13.34 15.27 -1.95
C THR C 20 13.19 14.09 -2.86
N VAL C 21 13.15 14.36 -4.16
CA VAL C 21 13.14 13.32 -5.13
C VAL C 21 14.15 13.68 -6.18
N LYS C 22 14.79 12.66 -6.75
CA LYS C 22 15.74 12.89 -7.80
C LYS C 22 15.06 12.34 -9.01
N VAL C 23 14.90 13.19 -10.01
CA VAL C 23 14.26 12.80 -11.25
C VAL C 23 15.11 13.27 -12.43
N ASP C 24 15.34 12.36 -13.37
CA ASP C 24 16.14 12.69 -14.57
C ASP C 24 17.40 13.42 -14.16
N GLY C 25 18.03 12.90 -13.13
CA GLY C 25 19.28 13.47 -12.67
C GLY C 25 19.27 14.76 -11.87
N LYS C 26 18.08 15.28 -11.54
CA LYS C 26 18.04 16.52 -10.79
C LYS C 26 17.25 16.30 -9.52
N GLU C 27 17.64 16.98 -8.46
CA GLU C 27 16.97 16.83 -7.18
C GLU C 27 16.04 18.01 -6.98
N TYR C 28 14.86 17.72 -6.45
CA TYR C 28 13.89 18.74 -6.17
C TYR C 28 13.32 18.36 -4.83
N TRP C 29 12.78 19.34 -4.12
CA TRP C 29 12.23 19.00 -2.84
C TRP C 29 10.87 19.64 -2.77
N THR C 30 10.01 19.09 -1.95
CA THR C 30 8.71 19.71 -1.74
C THR C 30 8.39 19.73 -0.23
N SER C 31 7.71 20.77 0.21
CA SER C 31 7.36 20.85 1.61
C SER C 31 5.92 20.35 1.79
N ARG C 32 5.26 19.93 0.73
CA ARG C 32 3.86 19.52 0.84
C ARG C 32 3.87 18.09 1.38
N TRP C 33 3.38 17.91 2.59
CA TRP C 33 3.46 16.56 3.16
C TRP C 33 2.73 15.47 2.43
N ASN C 34 1.56 15.77 1.85
CA ASN C 34 0.85 14.71 1.17
C ASN C 34 1.56 14.23 -0.06
N LEU C 35 2.52 15.02 -0.56
CA LEU C 35 3.30 14.54 -1.70
C LEU C 35 4.28 13.46 -1.27
N GLN C 36 4.57 13.33 0.01
CA GLN C 36 5.53 12.31 0.40
C GLN C 36 5.03 10.92 0.02
N PRO C 37 3.83 10.52 0.50
CA PRO C 37 3.41 9.18 0.07
C PRO C 37 3.16 9.11 -1.42
N LEU C 38 2.66 10.19 -2.00
CA LEU C 38 2.37 10.15 -3.43
C LEU C 38 3.67 9.93 -4.18
N LEU C 39 4.72 10.64 -3.77
CA LEU C 39 6.00 10.45 -4.49
C LEU C 39 6.60 9.13 -4.19
N GLN C 40 6.56 8.71 -2.94
CA GLN C 40 7.15 7.39 -2.67
C GLN C 40 6.39 6.28 -3.42
N SER C 41 5.06 6.39 -3.46
CA SER C 41 4.30 5.39 -4.20
C SER C 41 4.75 5.42 -5.68
N ALA C 42 4.88 6.62 -6.27
CA ALA C 42 5.30 6.73 -7.68
C ALA C 42 6.66 6.07 -7.84
N GLN C 43 7.55 6.33 -6.89
CA GLN C 43 8.88 5.75 -6.99
C GLN C 43 8.81 4.23 -6.94
N LEU C 44 8.03 3.71 -6.01
CA LEU C 44 7.95 2.24 -5.86
C LEU C 44 7.32 1.57 -7.03
N THR C 45 6.33 2.21 -7.60
CA THR C 45 5.63 1.56 -8.69
C THR C 45 6.17 1.93 -10.05
N GLY C 46 7.24 2.71 -10.10
CA GLY C 46 7.83 3.05 -11.38
C GLY C 46 7.05 4.03 -12.20
N MET C 47 6.29 4.90 -11.54
CA MET C 47 5.54 5.85 -12.31
C MET C 47 6.46 6.88 -12.94
N THR C 48 6.05 7.42 -14.08
CA THR C 48 6.80 8.53 -14.61
C THR C 48 6.22 9.78 -13.90
N VAL C 49 7.09 10.59 -13.30
CA VAL C 49 6.60 11.80 -12.66
C VAL C 49 7.11 12.99 -13.43
N THR C 50 6.29 14.02 -13.50
CA THR C 50 6.71 15.23 -14.16
C THR C 50 6.63 16.28 -13.10
N ILE C 51 7.80 16.74 -12.67
CA ILE C 51 7.90 17.77 -11.64
C ILE C 51 7.67 19.06 -12.38
N LYS C 52 6.74 19.88 -11.91
CA LYS C 52 6.41 21.13 -12.60
C LYS C 52 6.58 22.27 -11.61
N SER C 53 7.08 23.41 -12.07
CA SER C 53 7.34 24.50 -11.14
C SER C 53 7.74 25.73 -11.88
N SER C 54 7.57 26.87 -11.19
CA SER C 54 7.90 28.17 -11.76
C SER C 54 9.34 28.13 -12.18
N THR C 55 10.21 27.71 -11.25
CA THR C 55 11.63 27.62 -11.52
C THR C 55 12.05 26.17 -11.37
N CYS C 56 13.02 25.75 -12.17
CA CYS C 56 13.36 24.33 -12.18
C CYS C 56 14.79 23.89 -11.90
N GLU C 57 15.59 24.76 -11.29
CA GLU C 57 17.00 24.45 -11.00
C GLU C 57 17.11 23.36 -9.95
N SER C 58 18.09 22.46 -10.13
CA SER C 58 18.33 21.37 -9.19
C SER C 58 18.45 21.96 -7.78
N GLY C 59 17.79 21.32 -6.82
CA GLY C 59 17.78 21.77 -5.43
C GLY C 59 16.65 22.75 -5.17
N SER C 60 15.77 22.90 -6.15
CA SER C 60 14.64 23.84 -6.09
C SER C 60 13.38 23.16 -5.54
N GLY C 61 12.45 23.96 -5.02
CA GLY C 61 11.21 23.44 -4.46
C GLY C 61 10.14 23.24 -5.54
N PHE C 62 9.13 22.40 -5.26
CA PHE C 62 8.07 22.20 -6.22
C PHE C 62 6.83 21.78 -5.41
N ALA C 63 5.67 21.95 -6.01
CA ALA C 63 4.45 21.58 -5.36
C ALA C 63 3.45 21.20 -6.43
N GLU C 64 3.94 20.90 -7.62
CA GLU C 64 3.07 20.45 -8.70
C GLU C 64 3.80 19.28 -9.33
N VAL C 65 3.12 18.17 -9.50
CA VAL C 65 3.79 17.02 -10.11
C VAL C 65 2.72 16.12 -10.66
N GLN C 66 2.99 15.67 -11.87
CA GLN C 66 2.08 14.81 -12.55
C GLN C 66 2.60 13.39 -12.40
N PHE C 67 1.67 12.46 -12.33
CA PHE C 67 2.00 11.04 -12.17
C PHE C 67 1.37 10.28 -13.28
N ASN C 68 2.16 9.43 -13.91
CA ASN C 68 1.68 8.59 -15.00
C ASN C 68 2.21 7.17 -14.74
N ASN C 69 1.36 6.19 -14.96
CA ASN C 69 1.80 4.81 -14.81
C ASN C 69 2.91 4.63 -15.87
N ASP C 70 2.81 5.40 -16.96
CA ASP C 70 3.83 5.43 -18.05
C ASP C 70 3.89 6.84 -18.65
N ALA D 1 -23.72 15.00 -11.30
CA ALA D 1 -23.87 14.06 -12.43
C ALA D 1 -22.64 13.18 -12.47
N ASP D 2 -22.78 12.02 -13.13
CA ASP D 2 -21.62 11.13 -13.30
C ASP D 2 -20.95 11.69 -14.54
N CYS D 3 -19.82 12.33 -14.35
CA CYS D 3 -19.15 13.00 -15.43
C CYS D 3 -18.24 12.15 -16.26
N ALA D 4 -17.53 11.25 -15.60
CA ALA D 4 -16.54 10.46 -16.32
C ALA D 4 -16.38 9.18 -15.60
N LYS D 5 -16.34 8.08 -16.35
CA LYS D 5 -16.13 6.84 -15.67
C LYS D 5 -15.06 6.13 -16.45
N GLY D 6 -14.02 5.73 -15.77
CA GLY D 6 -12.95 5.04 -16.48
C GLY D 6 -11.73 5.07 -15.64
N LYS D 7 -10.62 4.64 -16.21
CA LYS D 7 -9.40 4.64 -15.45
C LYS D 7 -8.80 6.02 -15.43
N ILE D 8 -7.97 6.24 -14.41
CA ILE D 8 -7.28 7.50 -14.30
C ILE D 8 -6.13 7.44 -15.28
N GLU D 9 -6.11 8.41 -16.19
CA GLU D 9 -5.10 8.48 -17.24
C GLU D 9 -3.84 9.14 -16.75
N PHE D 10 -4.00 10.06 -15.81
CA PHE D 10 -2.85 10.65 -15.12
C PHE D 10 -3.47 11.34 -13.91
N SER D 11 -2.62 11.65 -12.94
CA SER D 11 -3.07 12.36 -11.78
C SER D 11 -2.02 13.43 -11.58
N LYS D 12 -2.39 14.47 -10.86
CA LYS D 12 -1.45 15.55 -10.72
C LYS D 12 -1.71 16.25 -9.42
N TYR D 13 -0.65 16.47 -8.65
CA TYR D 13 -0.81 17.22 -7.43
C TYR D 13 -0.57 18.67 -7.90
N ASN D 14 -1.44 19.57 -7.50
CA ASN D 14 -1.39 20.97 -7.95
C ASN D 14 -0.83 21.90 -6.91
N GLU D 15 -0.33 23.01 -7.39
CA GLU D 15 0.25 23.98 -6.46
C GLU D 15 -0.67 24.46 -5.38
N ASP D 16 -1.96 24.50 -5.66
CA ASP D 16 -2.91 24.95 -4.63
C ASP D 16 -3.40 23.79 -3.76
N ASP D 17 -2.67 22.68 -3.82
CA ASP D 17 -2.96 21.47 -3.05
C ASP D 17 -4.16 20.69 -3.49
N THR D 18 -4.78 21.11 -4.57
CA THR D 18 -5.84 20.29 -5.10
C THR D 18 -5.13 19.20 -5.91
N PHE D 19 -5.92 18.27 -6.42
CA PHE D 19 -5.37 17.08 -7.06
C PHE D 19 -6.25 16.83 -8.24
N THR D 20 -5.59 16.64 -9.37
CA THR D 20 -6.27 16.44 -10.61
C THR D 20 -6.13 15.03 -11.13
N VAL D 21 -7.22 14.55 -11.70
CA VAL D 21 -7.13 13.28 -12.38
C VAL D 21 -7.75 13.47 -13.73
N LYS D 22 -7.25 12.71 -14.69
CA LYS D 22 -7.79 12.74 -16.04
C LYS D 22 -8.51 11.43 -16.21
N VAL D 23 -9.79 11.52 -16.47
CA VAL D 23 -10.61 10.35 -16.62
C VAL D 23 -11.45 10.51 -17.85
N ASP D 24 -11.47 9.47 -18.68
CA ASP D 24 -12.25 9.54 -19.92
C ASP D 24 -11.94 10.82 -20.71
N GLY D 25 -10.65 11.13 -20.79
CA GLY D 25 -10.18 12.27 -21.54
C GLY D 25 -10.43 13.65 -20.96
N LYS D 26 -10.97 13.74 -19.74
CA LYS D 26 -11.29 15.04 -19.17
C LYS D 26 -10.58 15.13 -17.83
N GLU D 27 -10.10 16.32 -17.52
CA GLU D 27 -9.38 16.57 -16.27
C GLU D 27 -10.36 17.08 -15.23
N TYR D 28 -10.22 16.61 -13.99
CA TYR D 28 -11.08 17.05 -12.92
C TYR D 28 -10.19 17.26 -11.73
N TRP D 29 -10.49 18.27 -10.92
CA TRP D 29 -9.64 18.50 -9.77
C TRP D 29 -10.47 18.42 -8.53
N THR D 30 -9.83 18.04 -7.44
CA THR D 30 -10.59 17.99 -6.19
C THR D 30 -9.75 18.59 -5.08
N SER D 31 -10.41 19.23 -4.13
CA SER D 31 -9.64 19.78 -3.02
C SER D 31 -9.77 18.83 -1.83
N ARG D 32 -10.39 17.68 -2.01
CA ARG D 32 -10.55 16.74 -0.90
C ARG D 32 -9.19 16.07 -0.72
N TRP D 33 -8.51 16.45 0.37
CA TRP D 33 -7.16 15.94 0.63
C TRP D 33 -7.12 14.44 0.65
N ASN D 34 -8.14 13.84 1.26
CA ASN D 34 -8.15 12.38 1.37
C ASN D 34 -8.20 11.66 0.09
N LEU D 35 -8.73 12.32 -0.94
CA LEU D 35 -8.78 11.63 -2.24
C LEU D 35 -7.42 11.49 -2.93
N GLN D 36 -6.40 12.20 -2.46
CA GLN D 36 -5.16 12.14 -3.23
C GLN D 36 -4.57 10.75 -3.26
N PRO D 37 -4.29 10.17 -2.09
CA PRO D 37 -3.73 8.82 -2.19
C PRO D 37 -4.74 7.81 -2.68
N LEU D 38 -6.01 8.04 -2.40
CA LEU D 38 -6.98 7.07 -2.87
C LEU D 38 -7.06 7.05 -4.39
N LEU D 39 -7.00 8.24 -4.99
CA LEU D 39 -7.04 8.31 -6.44
C LEU D 39 -5.73 7.75 -6.99
N GLN D 40 -4.61 8.07 -6.36
CA GLN D 40 -3.35 7.55 -6.91
C GLN D 40 -3.31 6.02 -6.86
N SER D 41 -3.82 5.42 -5.78
CA SER D 41 -3.83 3.96 -5.74
C SER D 41 -4.80 3.42 -6.75
N ALA D 42 -5.93 4.08 -6.93
CA ALA D 42 -6.86 3.62 -7.96
C ALA D 42 -6.12 3.68 -9.27
N GLN D 43 -5.39 4.76 -9.49
CA GLN D 43 -4.67 4.93 -10.74
C GLN D 43 -3.69 3.80 -10.95
N LEU D 44 -2.90 3.55 -9.93
CA LEU D 44 -1.87 2.52 -10.08
C LEU D 44 -2.37 1.14 -10.39
N THR D 45 -3.57 0.84 -9.96
CA THR D 45 -4.10 -0.50 -10.20
C THR D 45 -5.08 -0.55 -11.35
N GLY D 46 -5.32 0.60 -11.99
CA GLY D 46 -6.24 0.58 -13.10
C GLY D 46 -7.68 0.48 -12.68
N MET D 47 -7.97 0.95 -11.47
CA MET D 47 -9.31 0.89 -10.95
C MET D 47 -10.17 1.90 -11.68
N THR D 48 -11.37 1.50 -12.05
CA THR D 48 -12.28 2.42 -12.73
C THR D 48 -12.89 3.36 -11.66
N VAL D 49 -12.86 4.65 -11.93
CA VAL D 49 -13.48 5.56 -11.01
C VAL D 49 -14.58 6.31 -11.78
N THR D 50 -15.54 6.82 -11.02
CA THR D 50 -16.60 7.60 -11.60
C THR D 50 -16.50 8.94 -10.91
N ILE D 51 -16.15 9.95 -11.67
CA ILE D 51 -16.02 11.33 -11.17
C ILE D 51 -17.46 11.90 -11.18
N LYS D 52 -17.90 12.44 -10.05
CA LYS D 52 -19.26 12.97 -9.99
C LYS D 52 -19.15 14.44 -9.65
N SER D 53 -19.83 15.27 -10.44
CA SER D 53 -19.74 16.68 -10.20
C SER D 53 -20.91 17.35 -10.84
N SER D 54 -21.06 18.63 -10.49
CA SER D 54 -22.12 19.50 -10.97
C SER D 54 -21.87 19.81 -12.44
N THR D 55 -20.60 19.86 -12.82
CA THR D 55 -20.25 20.16 -14.21
C THR D 55 -19.25 19.12 -14.65
N CYS D 56 -19.36 18.72 -15.89
CA CYS D 56 -18.52 17.62 -16.37
C CYS D 56 -17.46 18.00 -17.36
N GLU D 57 -17.42 19.28 -17.74
CA GLU D 57 -16.36 19.69 -18.65
C GLU D 57 -15.00 19.47 -18.03
N SER D 58 -14.03 19.19 -18.87
CA SER D 58 -12.67 19.07 -18.42
C SER D 58 -12.38 20.41 -17.69
N GLY D 59 -11.71 20.31 -16.56
CA GLY D 59 -11.40 21.48 -15.76
C GLY D 59 -12.34 21.65 -14.60
N SER D 60 -13.37 20.80 -14.54
CA SER D 60 -14.35 20.91 -13.46
C SER D 60 -13.80 20.37 -12.13
N GLY D 61 -14.40 20.80 -11.03
CA GLY D 61 -13.94 20.29 -9.76
C GLY D 61 -14.87 19.15 -9.38
N PHE D 62 -14.44 18.33 -8.42
CA PHE D 62 -15.32 17.31 -7.91
C PHE D 62 -15.00 17.12 -6.44
N ALA D 63 -16.01 16.65 -5.69
CA ALA D 63 -15.80 16.37 -4.26
C ALA D 63 -16.40 15.00 -4.02
N GLU D 64 -16.68 14.27 -5.09
CA GLU D 64 -17.33 12.97 -4.94
C GLU D 64 -16.82 12.09 -6.04
N VAL D 65 -16.49 10.85 -5.69
CA VAL D 65 -15.96 9.95 -6.70
C VAL D 65 -16.20 8.56 -6.20
N GLN D 66 -16.57 7.70 -7.13
CA GLN D 66 -16.85 6.32 -6.76
C GLN D 66 -15.71 5.47 -7.30
N PHE D 67 -15.26 4.52 -6.50
CA PHE D 67 -14.18 3.63 -6.88
C PHE D 67 -14.88 2.34 -7.18
N ASN D 68 -14.85 1.97 -8.45
CA ASN D 68 -15.54 0.80 -8.93
C ASN D 68 -14.65 -0.42 -9.07
N ASN D 69 -15.29 -1.58 -9.19
CA ASN D 69 -14.52 -2.81 -9.35
C ASN D 69 -14.54 -3.28 -10.81
N ASP D 70 -15.08 -2.48 -11.72
CA ASP D 70 -15.07 -2.82 -13.14
C ASP D 70 -13.66 -3.22 -13.57
N ALA E 1 -25.53 -4.42 15.25
CA ALA E 1 -25.90 -5.66 14.49
C ALA E 1 -24.91 -5.82 13.36
N ASP E 2 -24.73 -7.04 12.88
CA ASP E 2 -23.82 -7.21 11.76
C ASP E 2 -24.77 -6.98 10.61
N CYS E 3 -24.58 -5.87 9.97
CA CYS E 3 -25.45 -5.53 8.91
C CYS E 3 -25.11 -6.20 7.62
N ALA E 4 -23.83 -6.34 7.34
CA ALA E 4 -23.44 -6.87 6.05
C ALA E 4 -22.08 -7.45 6.20
N LYS E 5 -21.80 -8.52 5.46
CA LYS E 5 -20.47 -9.06 5.58
C LYS E 5 -20.18 -9.50 4.16
N GLY E 6 -19.11 -9.01 3.59
CA GLY E 6 -18.83 -9.35 2.22
C GLY E 6 -17.75 -8.45 1.72
N LYS E 7 -17.47 -8.55 0.44
CA LYS E 7 -16.42 -7.71 -0.14
C LYS E 7 -17.04 -6.39 -0.51
N ILE E 8 -16.22 -5.37 -0.52
CA ILE E 8 -16.69 -4.05 -0.91
C ILE E 8 -16.86 -4.05 -2.42
N GLU E 9 -18.09 -3.82 -2.84
CA GLU E 9 -18.50 -3.81 -4.26
C GLU E 9 -18.15 -2.50 -4.92
N PHE E 10 -18.23 -1.42 -4.14
CA PHE E 10 -17.70 -0.13 -4.60
C PHE E 10 -17.49 0.72 -3.39
N SER E 11 -16.66 1.75 -3.52
CA SER E 11 -16.55 2.67 -2.41
C SER E 11 -16.79 4.02 -3.04
N LYS E 12 -17.12 5.00 -2.21
CA LYS E 12 -17.39 6.31 -2.76
C LYS E 12 -17.05 7.34 -1.71
N TYR E 13 -16.33 8.36 -2.14
CA TYR E 13 -16.02 9.47 -1.27
C TYR E 13 -17.20 10.42 -1.53
N ASN E 14 -17.89 10.82 -0.48
CA ASN E 14 -19.07 11.64 -0.63
C ASN E 14 -18.78 13.11 -0.48
N GLU E 15 -19.72 13.91 -0.99
CA GLU E 15 -19.54 15.34 -0.96
C GLU E 15 -19.43 15.89 0.46
N ASP E 16 -20.06 15.22 1.43
CA ASP E 16 -19.98 15.66 2.82
C ASP E 16 -18.79 15.06 3.53
N ASP E 17 -17.88 14.50 2.73
CA ASP E 17 -16.62 13.91 3.22
C ASP E 17 -16.75 12.59 3.93
N THR E 18 -17.96 12.06 3.97
CA THR E 18 -18.09 10.74 4.55
C THR E 18 -17.72 9.78 3.42
N PHE E 19 -17.70 8.49 3.73
CA PHE E 19 -17.20 7.53 2.76
C PHE E 19 -18.16 6.37 2.77
N THR E 20 -18.54 5.91 1.59
CA THR E 20 -19.55 4.87 1.51
C THR E 20 -18.95 3.62 0.91
N VAL E 21 -19.35 2.47 1.43
CA VAL E 21 -19.02 1.23 0.79
C VAL E 21 -20.30 0.49 0.53
N LYS E 22 -20.31 -0.29 -0.52
CA LYS E 22 -21.46 -1.14 -0.81
C LYS E 22 -20.98 -2.54 -0.45
N VAL E 23 -21.69 -3.19 0.47
CA VAL E 23 -21.33 -4.51 0.93
C VAL E 23 -22.64 -5.30 0.97
N ASP E 24 -22.59 -6.47 0.38
CA ASP E 24 -23.77 -7.34 0.32
C ASP E 24 -24.97 -6.61 -0.21
N GLY E 25 -24.73 -5.84 -1.28
CA GLY E 25 -25.80 -5.15 -1.91
C GLY E 25 -26.41 -3.94 -1.22
N LYS E 26 -25.82 -3.53 -0.10
CA LYS E 26 -26.34 -2.40 0.65
C LYS E 26 -25.23 -1.38 0.81
N GLU E 27 -25.60 -0.10 0.81
CA GLU E 27 -24.61 0.96 0.96
C GLU E 27 -24.60 1.44 2.38
N TYR E 28 -23.40 1.68 2.90
CA TYR E 28 -23.21 2.15 4.26
C TYR E 28 -22.19 3.26 4.21
N TRP E 29 -22.40 4.28 5.00
CA TRP E 29 -21.46 5.37 5.00
C TRP E 29 -20.82 5.49 6.35
N THR E 30 -19.62 6.07 6.37
CA THR E 30 -18.96 6.30 7.63
C THR E 30 -18.33 7.67 7.58
N SER E 31 -18.41 8.39 8.69
CA SER E 31 -17.74 9.66 8.74
C SER E 31 -16.39 9.47 9.44
N ARG E 32 -16.06 8.23 9.81
CA ARG E 32 -14.80 8.02 10.53
C ARG E 32 -13.66 8.21 9.53
N TRP E 33 -12.90 9.28 9.71
CA TRP E 33 -11.82 9.57 8.77
C TRP E 33 -10.77 8.49 8.64
N ASN E 34 -10.52 7.81 9.74
CA ASN E 34 -9.47 6.77 9.76
C ASN E 34 -9.82 5.65 8.83
N LEU E 35 -11.11 5.45 8.62
CA LEU E 35 -11.55 4.29 7.83
C LEU E 35 -11.40 4.40 6.35
N GLN E 36 -11.22 5.62 5.82
CA GLN E 36 -11.16 5.71 4.37
C GLN E 36 -10.10 4.91 3.69
N PRO E 37 -8.83 5.11 4.07
CA PRO E 37 -7.83 4.29 3.37
C PRO E 37 -8.02 2.81 3.70
N LEU E 38 -8.46 2.50 4.91
CA LEU E 38 -8.59 1.11 5.28
C LEU E 38 -9.65 0.46 4.45
N LEU E 39 -10.74 1.16 4.24
CA LEU E 39 -11.81 0.55 3.46
C LEU E 39 -11.37 0.44 2.03
N GLN E 40 -10.67 1.44 1.53
CA GLN E 40 -10.23 1.29 0.14
C GLN E 40 -9.22 0.14 0.01
N SER E 41 -8.36 -0.02 1.00
CA SER E 41 -7.37 -1.14 0.95
C SER E 41 -8.17 -2.46 0.98
N ALA E 42 -9.22 -2.53 1.80
CA ALA E 42 -10.02 -3.77 1.82
C ALA E 42 -10.64 -4.02 0.45
N GLN E 43 -11.20 -2.97 -0.15
CA GLN E 43 -11.77 -3.12 -1.44
C GLN E 43 -10.72 -3.62 -2.46
N LEU E 44 -9.54 -3.01 -2.42
CA LEU E 44 -8.45 -3.32 -3.37
C LEU E 44 -8.03 -4.75 -3.26
N THR E 45 -8.05 -5.26 -2.05
CA THR E 45 -7.57 -6.64 -1.82
C THR E 45 -8.68 -7.65 -1.66
N GLY E 46 -9.91 -7.20 -1.81
CA GLY E 46 -11.02 -8.14 -1.71
C GLY E 46 -11.22 -8.67 -0.33
N MET E 47 -10.91 -7.88 0.69
CA MET E 47 -11.12 -8.39 2.06
C MET E 47 -12.59 -8.48 2.38
N THR E 48 -12.99 -9.49 3.12
CA THR E 48 -14.38 -9.52 3.54
C THR E 48 -14.48 -8.53 4.70
N VAL E 49 -15.38 -7.58 4.59
CA VAL E 49 -15.51 -6.65 5.72
C VAL E 49 -16.88 -6.92 6.34
N THR E 50 -16.97 -6.65 7.61
CA THR E 50 -18.23 -6.82 8.29
C THR E 50 -18.64 -5.46 8.78
N ILE E 51 -19.74 -4.95 8.25
CA ILE E 51 -20.25 -3.65 8.65
C ILE E 51 -21.18 -3.89 9.86
N LYS E 52 -20.88 -3.21 10.95
CA LYS E 52 -21.67 -3.35 12.13
C LYS E 52 -22.30 -1.99 12.44
N SER E 53 -23.59 -1.98 12.66
CA SER E 53 -24.27 -0.73 12.95
C SER E 53 -25.60 -1.01 13.62
N SER E 54 -26.18 0.05 14.20
CA SER E 54 -27.44 -0.12 14.90
C SER E 54 -28.61 -0.20 13.92
N THR E 55 -28.42 0.22 12.67
CA THR E 55 -29.46 0.06 11.65
C THR E 55 -28.76 -0.49 10.45
N CYS E 56 -29.42 -1.41 9.74
CA CYS E 56 -28.77 -2.06 8.64
C CYS E 56 -29.32 -1.78 7.27
N GLU E 57 -30.34 -0.94 7.19
CA GLU E 57 -30.90 -0.59 5.90
C GLU E 57 -29.84 0.10 5.11
N SER E 58 -29.88 -0.09 3.79
CA SER E 58 -28.95 0.59 2.93
C SER E 58 -29.13 2.08 3.24
N GLY E 59 -28.02 2.80 3.27
CA GLY E 59 -28.06 4.21 3.57
C GLY E 59 -27.75 4.48 5.03
N SER E 60 -27.55 3.41 5.82
CA SER E 60 -27.21 3.58 7.22
C SER E 60 -25.76 3.94 7.37
N GLY E 61 -25.47 4.61 8.48
CA GLY E 61 -24.08 4.93 8.74
C GLY E 61 -23.47 3.84 9.61
N PHE E 62 -22.15 3.84 9.67
CA PHE E 62 -21.53 2.87 10.58
C PHE E 62 -20.25 3.49 11.06
N ALA E 63 -19.73 2.93 12.15
CA ALA E 63 -18.51 3.45 12.68
C ALA E 63 -17.70 2.26 13.14
N GLU E 64 -18.20 1.07 12.86
CA GLU E 64 -17.51 -0.14 13.30
C GLU E 64 -17.44 -1.10 12.11
N VAL E 65 -16.25 -1.66 11.86
CA VAL E 65 -16.12 -2.55 10.72
C VAL E 65 -14.97 -3.48 11.01
N GLN E 66 -15.17 -4.73 10.63
CA GLN E 66 -14.14 -5.73 10.80
C GLN E 66 -13.57 -6.05 9.43
N PHE E 67 -12.27 -6.23 9.39
CA PHE E 67 -11.55 -6.52 8.16
C PHE E 67 -11.03 -7.93 8.28
N ASN E 68 -11.60 -8.82 7.53
CA ASN E 68 -11.12 -10.20 7.58
C ASN E 68 -10.29 -10.52 6.39
N ASN E 69 -9.63 -11.68 6.48
CA ASN E 69 -8.74 -12.12 5.43
C ASN E 69 -9.40 -13.05 4.42
N ASP E 70 -10.64 -13.46 4.65
CA ASP E 70 -11.31 -14.26 3.61
C ASP E 70 -11.80 -13.27 2.51
N ALA F 1 7.12 -6.64 26.98
CA ALA F 1 6.96 -8.11 26.85
C ALA F 1 6.38 -8.39 25.48
N ASP F 2 6.70 -9.53 24.89
CA ASP F 2 6.13 -9.86 23.60
C ASP F 2 4.85 -10.60 23.92
N CYS F 3 3.70 -9.97 23.66
CA CYS F 3 2.41 -10.56 23.95
C CYS F 3 1.92 -11.60 22.95
N ALA F 4 2.13 -11.30 21.65
CA ALA F 4 1.66 -12.18 20.60
C ALA F 4 2.54 -11.93 19.42
N LYS F 5 2.77 -12.96 18.63
CA LYS F 5 3.59 -12.82 17.45
C LYS F 5 2.95 -13.65 16.38
N GLY F 6 2.76 -13.06 15.22
CA GLY F 6 2.10 -13.84 14.18
C GLY F 6 1.50 -12.89 13.14
N LYS F 7 0.82 -13.44 12.14
CA LYS F 7 0.19 -12.60 11.14
C LYS F 7 -1.09 -12.13 11.78
N ILE F 8 -1.66 -11.06 11.24
CA ILE F 8 -2.89 -10.53 11.81
C ILE F 8 -4.04 -11.33 11.23
N GLU F 9 -4.85 -11.91 12.10
CA GLU F 9 -5.95 -12.75 11.67
C GLU F 9 -7.12 -11.92 11.23
N PHE F 10 -7.41 -10.87 11.97
CA PHE F 10 -8.42 -9.92 11.48
C PHE F 10 -8.12 -8.65 12.21
N SER F 11 -8.66 -7.54 11.71
CA SER F 11 -8.52 -6.27 12.43
C SER F 11 -9.93 -5.69 12.47
N LYS F 12 -10.16 -4.75 13.37
CA LYS F 12 -11.52 -4.24 13.47
C LYS F 12 -11.45 -2.93 14.13
N TYR F 13 -12.15 -1.97 13.54
CA TYR F 13 -12.22 -0.64 14.15
C TYR F 13 -13.56 -0.66 14.88
N ASN F 14 -13.55 -0.27 16.14
CA ASN F 14 -14.75 -0.32 16.97
C ASN F 14 -15.35 1.03 17.16
N GLU F 15 -16.66 1.08 17.42
CA GLU F 15 -17.35 2.36 17.62
C GLU F 15 -16.71 3.18 18.71
N ASP F 16 -16.08 2.53 19.68
CA ASP F 16 -15.45 3.28 20.76
C ASP F 16 -14.05 3.78 20.37
N ASP F 17 -13.78 3.83 19.08
CA ASP F 17 -12.48 4.32 18.60
C ASP F 17 -11.27 3.52 19.06
N THR F 18 -11.38 2.18 19.05
CA THR F 18 -10.25 1.32 19.36
C THR F 18 -10.11 0.48 18.12
N PHE F 19 -8.91 -0.02 17.89
CA PHE F 19 -8.66 -0.80 16.69
C PHE F 19 -8.09 -2.10 17.22
N THR F 20 -8.83 -3.16 16.96
CA THR F 20 -8.46 -4.47 17.44
C THR F 20 -7.78 -5.25 16.38
N VAL F 21 -6.75 -6.00 16.76
CA VAL F 21 -6.17 -6.95 15.84
C VAL F 21 -6.13 -8.26 16.62
N LYS F 22 -6.24 -9.36 15.89
CA LYS F 22 -6.17 -10.67 16.50
C LYS F 22 -4.85 -11.23 15.98
N VAL F 23 -3.97 -11.58 16.90
CA VAL F 23 -2.66 -12.13 16.54
C VAL F 23 -2.43 -13.40 17.37
N ASP F 24 -2.06 -14.50 16.72
CA ASP F 24 -1.79 -15.75 17.46
C ASP F 24 -2.94 -16.10 18.42
N GLY F 25 -4.16 -16.06 17.91
CA GLY F 25 -5.33 -16.36 18.72
C GLY F 25 -5.71 -15.37 19.83
N LYS F 26 -5.00 -14.25 19.96
CA LYS F 26 -5.35 -13.28 21.01
C LYS F 26 -5.70 -11.94 20.40
N GLU F 27 -6.67 -11.27 21.01
CA GLU F 27 -7.09 -9.95 20.54
C GLU F 27 -6.51 -8.88 21.42
N TYR F 28 -6.04 -7.79 20.80
CA TYR F 28 -5.46 -6.64 21.51
C TYR F 28 -5.98 -5.45 20.76
N TRP F 29 -6.00 -4.29 21.39
CA TRP F 29 -6.50 -3.16 20.66
C TRP F 29 -5.59 -1.99 20.89
N THR F 30 -5.67 -1.02 19.99
CA THR F 30 -4.91 0.17 20.16
C THR F 30 -5.76 1.35 19.70
N SER F 31 -5.59 2.47 20.36
CA SER F 31 -6.34 3.63 19.90
C SER F 31 -5.39 4.61 19.22
N ARG F 32 -4.16 4.15 18.95
CA ARG F 32 -3.23 5.00 18.20
C ARG F 32 -3.67 4.93 16.74
N TRP F 33 -4.13 6.02 16.18
CA TRP F 33 -4.54 5.95 14.80
C TRP F 33 -3.33 5.69 13.92
N ASN F 34 -2.15 6.13 14.35
CA ASN F 34 -0.95 5.88 13.55
C ASN F 34 -0.87 4.40 13.25
N LEU F 35 -1.30 3.59 14.20
CA LEU F 35 -1.15 2.15 13.99
C LEU F 35 -2.19 1.52 13.09
N GLN F 36 -3.27 2.23 12.79
CA GLN F 36 -4.26 1.59 11.92
C GLN F 36 -3.74 1.26 10.55
N PRO F 37 -3.20 2.25 9.83
CA PRO F 37 -2.70 1.87 8.49
C PRO F 37 -1.54 0.89 8.61
N LEU F 38 -0.70 1.10 9.61
CA LEU F 38 0.46 0.20 9.76
C LEU F 38 -0.01 -1.23 10.00
N LEU F 39 -0.97 -1.40 10.91
CA LEU F 39 -1.44 -2.72 11.19
C LEU F 39 -2.21 -3.31 10.04
N GLN F 40 -3.08 -2.50 9.42
CA GLN F 40 -3.84 -3.05 8.30
C GLN F 40 -2.90 -3.39 7.16
N SER F 41 -1.90 -2.56 6.92
CA SER F 41 -0.96 -2.90 5.86
C SER F 41 -0.24 -4.20 6.22
N ALA F 42 0.13 -4.36 7.50
CA ALA F 42 0.78 -5.59 7.94
C ALA F 42 -0.18 -6.75 7.70
N GLN F 43 -1.46 -6.55 8.02
CA GLN F 43 -2.41 -7.59 7.81
C GLN F 43 -2.54 -7.99 6.34
N LEU F 44 -2.68 -7.02 5.46
CA LEU F 44 -2.94 -7.37 4.08
C LEU F 44 -1.72 -7.86 3.32
N THR F 45 -0.55 -7.63 3.87
CA THR F 45 0.71 -8.06 3.24
C THR F 45 1.29 -9.24 3.99
N GLY F 46 0.62 -9.70 5.04
CA GLY F 46 1.10 -10.88 5.76
C GLY F 46 2.38 -10.69 6.55
N MET F 47 2.60 -9.47 7.02
CA MET F 47 3.76 -9.29 7.88
C MET F 47 3.55 -10.01 9.19
N THR F 48 4.65 -10.37 9.82
CA THR F 48 4.55 -10.97 11.12
C THR F 48 4.62 -9.80 12.09
N VAL F 49 3.61 -9.66 12.94
CA VAL F 49 3.73 -8.56 13.87
C VAL F 49 3.96 -9.13 15.27
N THR F 50 4.69 -8.38 16.07
CA THR F 50 4.88 -8.76 17.45
C THR F 50 4.28 -7.68 18.30
N ILE F 51 3.17 -7.99 18.96
CA ILE F 51 2.47 -7.04 19.82
C ILE F 51 3.28 -7.03 21.12
N LYS F 52 3.66 -5.85 21.57
CA LYS F 52 4.48 -5.74 22.76
C LYS F 52 3.77 -4.79 23.73
N SER F 53 3.82 -5.11 25.00
CA SER F 53 3.16 -4.27 25.99
C SER F 53 3.72 -4.69 27.32
N SER F 54 3.47 -3.89 28.33
CA SER F 54 3.89 -4.29 29.66
C SER F 54 2.67 -5.15 30.05
N THR F 55 1.54 -4.81 29.41
CA THR F 55 0.23 -5.44 29.60
C THR F 55 -0.03 -6.49 28.53
N CYS F 56 0.21 -7.76 28.80
CA CYS F 56 -0.05 -8.78 27.76
C CYS F 56 -1.39 -9.49 27.91
N GLU F 57 -2.22 -8.96 28.77
CA GLU F 57 -3.50 -9.59 28.96
C GLU F 57 -4.36 -9.42 27.72
N SER F 58 -5.10 -10.47 27.41
CA SER F 58 -6.02 -10.49 26.30
C SER F 58 -6.94 -9.28 26.40
N GLY F 59 -7.30 -8.73 25.25
CA GLY F 59 -8.23 -7.60 25.27
C GLY F 59 -7.71 -6.29 25.83
N SER F 60 -6.40 -6.22 26.08
CA SER F 60 -5.78 -5.01 26.62
C SER F 60 -5.27 -4.14 25.46
N GLY F 61 -4.93 -2.90 25.80
CA GLY F 61 -4.46 -2.00 24.76
C GLY F 61 -2.97 -2.18 24.56
N PHE F 62 -2.47 -1.76 23.42
CA PHE F 62 -1.03 -1.83 23.17
C PHE F 62 -0.69 -0.64 22.29
N ALA F 63 0.58 -0.28 22.29
CA ALA F 63 1.01 0.83 21.46
C ALA F 63 2.45 0.54 21.06
N GLU F 64 2.86 -0.71 21.18
CA GLU F 64 4.20 -1.10 20.72
C GLU F 64 4.01 -2.36 19.88
N VAL F 65 4.52 -2.35 18.65
CA VAL F 65 4.38 -3.51 17.79
C VAL F 65 5.48 -3.47 16.76
N GLN F 66 6.09 -4.64 16.64
CA GLN F 66 7.18 -4.81 15.73
C GLN F 66 6.60 -5.45 14.50
N PHE F 67 7.16 -5.07 13.35
CA PHE F 67 6.69 -5.56 12.06
C PHE F 67 7.87 -6.22 11.37
N ASN F 68 7.63 -7.43 10.85
CA ASN F 68 8.66 -8.14 10.13
C ASN F 68 8.03 -8.71 8.91
N ASN F 69 8.79 -8.74 7.82
CA ASN F 69 8.27 -9.33 6.61
C ASN F 69 8.13 -10.83 6.74
N ASP F 70 9.08 -11.46 7.42
CA ASP F 70 9.13 -12.93 7.55
C ASP F 70 10.23 -13.46 6.59
N ALA G 1 25.51 12.43 8.69
CA ALA G 1 26.28 11.28 8.11
C ALA G 1 25.38 10.15 7.67
N ASP G 2 25.90 9.23 6.86
CA ASP G 2 25.13 8.07 6.44
C ASP G 2 25.36 7.06 7.55
N CYS G 3 24.35 6.86 8.37
CA CYS G 3 24.52 5.98 9.50
C CYS G 3 24.41 4.50 9.19
N ALA G 4 23.51 4.19 8.27
CA ALA G 4 23.24 2.82 7.94
C ALA G 4 22.57 2.82 6.62
N LYS G 5 22.95 1.83 5.81
CA LYS G 5 22.35 1.71 4.49
C LYS G 5 22.00 0.25 4.31
N GLY G 6 20.79 -0.04 3.85
CA GLY G 6 20.43 -1.43 3.65
C GLY G 6 18.93 -1.56 3.74
N LYS G 7 18.45 -2.79 3.76
CA LYS G 7 17.01 -3.00 3.82
C LYS G 7 16.60 -2.94 5.28
N ILE G 8 15.34 -2.61 5.51
CA ILE G 8 14.82 -2.54 6.87
C ILE G 8 14.61 -3.94 7.34
N GLU G 9 15.27 -4.29 8.43
CA GLU G 9 15.24 -5.63 8.99
C GLU G 9 14.00 -5.86 9.82
N PHE G 10 13.59 -4.82 10.53
CA PHE G 10 12.30 -4.85 11.20
C PHE G 10 11.97 -3.38 11.43
N SER G 11 10.70 -3.10 11.68
CA SER G 11 10.34 -1.75 12.02
C SER G 11 9.52 -1.97 13.27
N LYS G 12 9.35 -0.91 14.05
CA LYS G 12 8.61 -1.11 15.27
C LYS G 12 7.99 0.22 15.69
N TYR G 13 6.71 0.16 15.98
CA TYR G 13 6.01 1.35 16.45
C TYR G 13 6.21 1.34 17.95
N ASN G 14 6.61 2.48 18.51
CA ASN G 14 6.86 2.53 19.96
C ASN G 14 5.78 3.19 20.77
N GLU G 15 5.75 2.92 22.09
CA GLU G 15 4.69 3.47 22.93
C GLU G 15 4.66 4.95 23.00
N ASP G 16 5.80 5.57 22.73
CA ASP G 16 5.88 7.04 22.73
C ASP G 16 5.60 7.60 21.33
N ASP G 17 5.06 6.76 20.47
CA ASP G 17 4.72 7.17 19.11
C ASP G 17 5.92 7.46 18.21
N THR G 18 7.09 6.96 18.61
CA THR G 18 8.22 7.08 17.71
C THR G 18 8.20 5.74 16.97
N PHE G 19 9.11 5.59 16.03
CA PHE G 19 9.11 4.45 15.17
C PHE G 19 10.58 4.12 14.94
N THR G 20 10.87 2.86 15.18
CA THR G 20 12.20 2.32 15.06
C THR G 20 12.34 1.45 13.84
N VAL G 21 13.51 1.54 13.20
CA VAL G 21 13.81 0.62 12.11
C VAL G 21 15.20 0.10 12.40
N LYS G 22 15.45 -1.13 11.94
CA LYS G 22 16.77 -1.73 12.10
C LYS G 22 17.29 -1.85 10.66
N VAL G 23 18.45 -1.27 10.43
CA VAL G 23 19.02 -1.22 9.12
C VAL G 23 20.48 -1.58 9.31
N ASP G 24 20.94 -2.53 8.52
CA ASP G 24 22.32 -2.96 8.61
C ASP G 24 22.75 -3.24 10.04
N GLY G 25 21.88 -3.91 10.78
CA GLY G 25 22.20 -4.28 12.15
C GLY G 25 22.10 -3.22 13.20
N LYS G 26 21.72 -1.99 12.81
CA LYS G 26 21.65 -0.92 13.80
C LYS G 26 20.21 -0.42 13.86
N GLU G 27 19.78 -0.01 15.05
CA GLU G 27 18.43 0.48 15.25
C GLU G 27 18.44 1.98 15.40
N TYR G 28 17.45 2.64 14.78
CA TYR G 28 17.35 4.08 14.83
C TYR G 28 15.89 4.34 14.97
N TRP G 29 15.54 5.44 15.64
CA TRP G 29 14.11 5.71 15.81
C TRP G 29 13.86 7.12 15.35
N THR G 30 12.62 7.41 14.96
CA THR G 30 12.30 8.73 14.50
C THR G 30 11.01 9.12 15.13
N SER G 31 10.91 10.40 15.44
CA SER G 31 9.68 10.86 16.03
C SER G 31 8.83 11.47 14.90
N ARG G 32 9.30 11.39 13.65
CA ARG G 32 8.50 11.99 12.55
C ARG G 32 7.45 10.97 12.16
N TRP G 33 6.21 11.28 12.50
CA TRP G 33 5.12 10.39 12.22
C TRP G 33 5.01 10.09 10.72
N ASN G 34 5.31 11.10 9.91
CA ASN G 34 5.20 10.90 8.49
C ASN G 34 6.07 9.78 8.00
N LEU G 35 7.18 9.55 8.68
CA LEU G 35 8.03 8.47 8.21
C LEU G 35 7.48 7.07 8.49
N GLN G 36 6.48 6.94 9.36
CA GLN G 36 6.04 5.59 9.67
C GLN G 36 5.56 4.74 8.50
N PRO G 37 4.56 5.21 7.76
CA PRO G 37 4.10 4.41 6.65
C PRO G 37 5.10 4.38 5.50
N LEU G 38 5.92 5.42 5.38
CA LEU G 38 6.93 5.45 4.33
C LEU G 38 7.97 4.39 4.62
N LEU G 39 8.33 4.23 5.90
CA LEU G 39 9.34 3.23 6.23
C LEU G 39 8.70 1.89 6.08
N GLN G 40 7.43 1.77 6.46
CA GLN G 40 6.82 0.44 6.32
C GLN G 40 6.71 0.03 4.84
N SER G 41 6.35 0.98 3.99
CA SER G 41 6.26 0.68 2.54
C SER G 41 7.67 0.29 2.05
N ALA G 42 8.67 1.03 2.47
CA ALA G 42 10.04 0.69 2.07
C ALA G 42 10.40 -0.74 2.57
N GLN G 43 10.03 -1.06 3.81
CA GLN G 43 10.35 -2.37 4.37
C GLN G 43 9.63 -3.45 3.58
N LEU G 44 8.35 -3.21 3.29
CA LEU G 44 7.56 -4.19 2.56
C LEU G 44 8.11 -4.50 1.20
N THR G 45 8.65 -3.47 0.55
CA THR G 45 9.10 -3.59 -0.84
C THR G 45 10.59 -3.79 -0.99
N GLY G 46 11.30 -3.91 0.11
CA GLY G 46 12.74 -4.13 0.04
C GLY G 46 13.54 -2.95 -0.47
N MET G 47 13.10 -1.72 -0.20
CA MET G 47 13.89 -0.58 -0.62
C MET G 47 15.14 -0.55 0.21
N THR G 48 16.18 0.03 -0.36
CA THR G 48 17.40 0.19 0.38
C THR G 48 17.25 1.58 0.97
N VAL G 49 17.34 1.69 2.29
CA VAL G 49 17.17 2.99 2.88
C VAL G 49 18.51 3.39 3.46
N THR G 50 18.75 4.67 3.50
CA THR G 50 20.00 5.15 4.09
C THR G 50 19.54 6.05 5.23
N ILE G 51 19.82 5.64 6.46
CA ILE G 51 19.50 6.42 7.64
C ILE G 51 20.58 7.51 7.72
N LYS G 52 20.17 8.77 7.83
CA LYS G 52 21.12 9.87 7.91
C LYS G 52 20.88 10.62 9.20
N SER G 53 21.94 10.88 9.95
CA SER G 53 21.84 11.60 11.23
C SER G 53 23.23 12.13 11.56
N SER G 54 23.28 13.13 12.43
CA SER G 54 24.56 13.66 12.87
C SER G 54 25.14 12.68 13.92
N THR G 55 24.27 11.82 14.47
CA THR G 55 24.70 10.83 15.45
C THR G 55 24.29 9.46 14.95
N CYS G 56 25.25 8.59 14.71
CA CYS G 56 24.97 7.28 14.16
C CYS G 56 24.99 6.07 15.07
N GLU G 57 25.13 6.33 16.37
CA GLU G 57 25.16 5.27 17.36
C GLU G 57 23.84 4.53 17.26
N SER G 58 23.89 3.20 17.30
CA SER G 58 22.65 2.42 17.21
C SER G 58 21.82 2.89 18.39
N GLY G 59 20.49 2.91 18.23
CA GLY G 59 19.64 3.37 19.31
C GLY G 59 19.38 4.86 19.25
N SER G 60 20.07 5.58 18.37
CA SER G 60 19.82 7.03 18.32
C SER G 60 18.69 7.40 17.36
N GLY G 61 18.39 8.69 17.31
CA GLY G 61 17.28 9.13 16.49
C GLY G 61 17.69 9.56 15.11
N PHE G 62 16.70 9.68 14.22
CA PHE G 62 16.99 10.18 12.90
C PHE G 62 15.72 10.82 12.37
N ALA G 63 15.87 11.71 11.42
CA ALA G 63 14.72 12.33 10.77
C ALA G 63 15.07 12.57 9.32
N GLU G 64 16.12 11.92 8.83
CA GLU G 64 16.46 12.06 7.43
C GLU G 64 16.74 10.63 6.92
N VAL G 65 16.09 10.25 5.84
CA VAL G 65 16.32 8.92 5.33
C VAL G 65 16.06 8.92 3.85
N GLN G 66 16.95 8.30 3.12
CA GLN G 66 16.83 8.23 1.69
C GLN G 66 16.26 6.87 1.36
N PHE G 67 15.43 6.84 0.32
CA PHE G 67 14.81 5.59 -0.12
C PHE G 67 15.27 5.35 -1.52
N ASN G 68 15.91 4.20 -1.74
CA ASN G 68 16.34 3.84 -3.09
C ASN G 68 15.72 2.52 -3.47
N ASN G 69 15.47 2.31 -4.76
CA ASN G 69 14.98 1.00 -5.19
C ASN G 69 16.28 0.28 -5.58
N ASP G 70 16.16 -0.96 -6.03
CA ASP G 70 17.34 -1.73 -6.43
C ASP G 70 18.06 -0.99 -7.58
N1 1PS H . 15.23 21.94 1.09
C1 1PS H . 14.16 22.34 1.88
C2 1PS H . 13.90 23.70 2.07
C3 1PS H . 16.04 22.88 0.49
C4 1PS H . 15.79 24.24 0.66
C5 1PS H . 14.72 24.66 1.46
C6 1PS H . 15.52 20.49 0.90
C7 1PS H . 16.58 19.94 1.83
C8 1PS H . 16.10 19.92 3.27
S1 1PS H . 17.37 19.55 4.44
O1 1PS H . 18.37 20.63 4.32
O2 1PS H . 16.72 19.55 5.77
O3 1PS H . 17.90 18.25 4.06
C FMT I . 9.53 16.38 15.88
O1 FMT I . 9.20 17.35 15.17
O2 FMT I . 9.14 15.20 15.79
NA NA J . -2.62 -30.85 -19.67
NA NA K . -4.81 -6.46 -10.08
NA NA L . -1.46 -40.43 -11.95
C1 EDO M . -5.57 16.96 6.06
O1 EDO M . -4.63 17.41 7.16
C2 EDO M . -4.92 16.37 4.86
O2 EDO M . -5.48 14.97 4.82
C1 EDO N . -6.36 -40.37 -11.46
O1 EDO N . -6.90 -39.17 -10.68
C2 EDO N . -7.11 -40.63 -12.76
O2 EDO N . -8.53 -41.14 -12.31
C FMT O . 4.39 -32.91 -2.66
O1 FMT O . 3.50 -33.75 -2.52
O2 FMT O . 5.51 -32.88 -2.12
C FMT P . -6.02 -7.36 -12.47
O1 FMT P . -6.58 -7.17 -11.38
O2 FMT P . -6.48 -7.92 -13.47
C FMT Q . 2.88 -3.79 -15.02
O1 FMT Q . 3.74 -3.10 -14.42
O2 FMT Q . 1.70 -3.50 -15.27
C FMT R . -27.47 -25.28 6.11
O1 FMT R . -27.74 -24.79 5.01
O2 FMT R . -27.93 -24.95 7.23
C FMT S . -8.50 -36.07 13.03
O1 FMT S . -9.03 -35.57 12.01
O2 FMT S . -8.16 -37.26 13.22
C FMT T . -15.95 -25.81 -2.05
C FMT T . -16.30 -25.97 -2.12
O1 FMT T . -15.96 -24.95 -1.13
O1 FMT T . -17.52 -26.27 -1.94
O2 FMT T . -15.62 -25.71 -3.27
O2 FMT T . -15.48 -26.46 -2.98
NA NA U . 11.20 25.27 -8.30
C FMT V . -2.01 6.18 -15.90
O1 FMT V . -1.22 6.87 -15.26
O2 FMT V . -1.75 5.47 -16.90
N1 1PS W . -8.19 23.89 -9.73
C1 1PS W . -8.30 24.06 -8.38
C2 1PS W . -9.25 24.95 -7.89
C3 1PS W . -8.99 24.57 -10.63
C4 1PS W . -9.94 25.45 -10.14
C5 1PS W . -10.06 25.63 -8.78
C6 1PS W . -7.20 22.94 -10.28
C7 1PS W . -5.96 23.69 -10.69
C8 1PS W . -5.21 24.14 -9.49
S1 1PS W . -3.69 24.95 -9.94
O1 1PS W . -2.99 24.00 -10.81
O2 1PS W . -4.07 26.16 -10.65
O3 1PS W . -3.01 25.20 -8.68
C FMT X . -10.88 18.17 3.44
O1 FMT X . -10.39 17.55 2.50
O2 FMT X . -11.52 19.22 3.38
C FMT Y . -7.91 20.29 -13.44
O1 FMT Y . -6.75 20.43 -12.94
O2 FMT Y . -8.48 21.04 -14.31
N1 1PS Z . -24.41 10.05 4.48
C1 1PS Z . -23.54 10.71 5.31
C2 1PS Z . -24.03 11.27 6.51
C3 1PS Z . -25.75 9.90 4.78
C4 1PS Z . -26.26 10.44 5.96
C5 1PS Z . -25.40 11.12 6.83
C6 1PS Z . -23.91 9.45 3.20
C7 1PS Z . -24.16 10.34 2.02
C8 1PS Z . -23.42 11.63 2.12
S1 1PS Z . -23.79 12.70 0.75
O1 1PS Z . -22.89 13.80 0.87
O2 1PS Z . -25.16 13.09 0.88
O3 1PS Z . -23.53 11.92 -0.46
C1 EDO AA . -9.37 14.55 7.54
O1 EDO AA . -7.95 14.01 7.82
C2 EDO AA . -9.73 15.78 8.39
O2 EDO AA . -9.92 16.96 7.38
C FMT BA . -24.49 5.75 1.75
O1 FMT BA . -23.78 6.56 1.13
O2 FMT BA . -25.74 5.73 1.79
C FMT CA . -1.13 8.23 17.59
O1 FMT CA . -1.56 7.47 16.73
O2 FMT CA . -1.80 8.93 18.37
C FMT DA . -3.61 2.24 23.35
O1 FMT DA . -2.84 2.61 24.24
O2 FMT DA . -3.89 2.83 22.29
C FMT EA . 5.22 -10.92 4.12
O1 FMT EA . 4.37 -11.73 3.60
O2 FMT EA . 5.08 -9.68 4.40
NA NA FA . 20.98 9.83 15.35
N1 1PS GA . 13.25 6.13 21.44
C1 1PS GA . 12.40 7.21 21.41
C2 1PS GA . 12.76 8.40 22.05
C3 1PS GA . 14.49 6.19 22.10
C4 1PS GA . 14.87 7.38 22.72
C5 1PS GA . 14.00 8.47 22.70
C6 1PS GA . 12.88 4.86 20.78
C7 1PS GA . 12.28 3.90 21.78
C8 1PS GA . 10.98 4.46 22.30
S1 1PS GA . 10.25 3.51 23.57
O1 1PS GA . 11.14 3.60 24.71
O2 1PS GA . 8.94 4.12 23.81
O3 1PS GA . 10.14 2.14 23.06
C1 EDO HA . 6.11 14.82 10.74
O1 EDO HA . 6.54 13.48 10.26
C2 EDO HA . 5.04 14.72 11.79
O2 EDO HA . 5.64 14.00 13.03
C1 EDO IA . 4.61 14.18 17.02
O1 EDO IA . 4.56 14.08 18.56
C2 EDO IA . 6.00 13.90 16.44
O2 EDO IA . 6.20 14.89 15.20
C FMT JA . 12.07 -7.45 7.03
O1 FMT JA . 11.07 -7.09 7.65
O2 FMT JA . 12.48 -8.63 6.85
#